data_3C9H
#
_entry.id   3C9H
#
_cell.length_a   75.313
_cell.length_b   86.947
_cell.length_c   109.642
_cell.angle_alpha   90.00
_cell.angle_beta   90.00
_cell.angle_gamma   90.00
#
_symmetry.space_group_name_H-M   'P 21 21 21'
#
loop_
_entity.id
_entity.type
_entity.pdbx_description
1 polymer 'ABC transporter, substrate binding protein'
2 non-polymer 'MAGNESIUM ION'
3 non-polymer 'CITRIC ACID'
4 water water
#
_entity_poly.entity_id   1
_entity_poly.type   'polypeptide(L)'
_entity_poly.pdbx_seq_one_letter_code
;MRICLFLCLCLCMASPALAQVAVFPALSGKTDAQTLVVYSSLDEPLATPMIEGFQKANPDIAVHYEDMLTGEIYDRIVKE
TDAGKKTADFAFSSAMDLQVKLSNDGYAQRSDLAMSARWPAWANWRNTAYALTFEPAVFVYHKPSFTTEKPPATRAEFVD
YLERHAKEVHGRIATYDIERSGVGFLFMSRDQEQFGDIWSVIKAMGAAGVKVYSTSSAILERVSDGRFVLGYNILGSYAA
DWASRHPDVGIVLPKDYTVVMSRIGLVPEAAANPELGRRYLEFFMSKEGQTIMARQLQIPAVSPEVAGENTANTMQAIHG
AQLRPVPVSPGLMVYLDQVKRSRLIERWNEALRSQ
;
_entity_poly.pdbx_strand_id   A,B
#
loop_
_chem_comp.id
_chem_comp.type
_chem_comp.name
_chem_comp.formula
CIT non-polymer 'CITRIC ACID' 'C6 H8 O7'
MG non-polymer 'MAGNESIUM ION' 'Mg 2'
#
# COMPACT_ATOMS: atom_id res chain seq x y z
N PRO A 16 2.42 7.62 -11.64
CA PRO A 16 1.60 6.44 -11.86
C PRO A 16 0.25 6.44 -11.12
N ALA A 17 -0.74 5.79 -11.73
CA ALA A 17 -2.05 5.52 -11.10
C ALA A 17 -1.94 4.29 -10.21
N LEU A 18 -2.26 4.45 -8.92
CA LEU A 18 -2.08 3.39 -7.91
C LEU A 18 -3.41 2.78 -7.42
N ALA A 19 -3.33 1.53 -6.99
CA ALA A 19 -4.45 0.83 -6.41
C ALA A 19 -3.92 -0.29 -5.50
N GLN A 20 -4.54 -0.47 -4.34
CA GLN A 20 -4.30 -1.67 -3.56
C GLN A 20 -5.46 -2.59 -3.88
N VAL A 21 -5.16 -3.72 -4.49
CA VAL A 21 -6.14 -4.67 -4.91
C VAL A 21 -6.21 -5.84 -3.92
N ALA A 22 -7.44 -6.17 -3.52
CA ALA A 22 -7.72 -7.32 -2.68
C ALA A 22 -8.80 -8.17 -3.35
N VAL A 23 -8.51 -9.45 -3.55
CA VAL A 23 -9.44 -10.36 -4.23
C VAL A 23 -10.01 -11.39 -3.24
N PHE A 24 -11.32 -11.35 -3.04
CA PHE A 24 -12.03 -12.24 -2.12
C PHE A 24 -12.77 -13.37 -2.91
N PRO A 25 -12.30 -14.61 -2.84
CA PRO A 25 -12.99 -15.69 -3.55
C PRO A 25 -14.40 -15.93 -3.06
N ALA A 26 -15.27 -16.45 -3.94
CA ALA A 26 -16.62 -16.80 -3.57
C ALA A 26 -16.60 -17.72 -2.33
N LEU A 27 -17.45 -17.45 -1.34
CA LEU A 27 -17.50 -18.29 -0.14
C LEU A 27 -17.94 -19.73 -0.45
N SER A 28 -18.81 -19.87 -1.44
CA SER A 28 -19.33 -21.18 -1.85
C SER A 28 -18.31 -22.05 -2.59
N GLY A 29 -17.13 -21.48 -2.89
CA GLY A 29 -16.21 -22.08 -3.82
C GLY A 29 -16.79 -21.88 -5.19
N GLN A 34 -18.27 -15.65 -11.08
CA GLN A 34 -18.74 -14.27 -11.22
C GLN A 34 -18.02 -13.36 -10.22
N THR A 35 -17.26 -12.40 -10.74
CA THR A 35 -16.49 -11.48 -9.93
C THR A 35 -17.05 -10.05 -10.03
N LEU A 36 -17.41 -9.50 -8.89
CA LEU A 36 -17.74 -8.08 -8.72
C LEU A 36 -16.45 -7.26 -8.67
N VAL A 37 -16.36 -6.24 -9.49
CA VAL A 37 -15.24 -5.35 -9.48
C VAL A 37 -15.68 -4.02 -8.85
N VAL A 38 -14.96 -3.57 -7.83
CA VAL A 38 -15.26 -2.33 -7.10
C VAL A 38 -14.07 -1.37 -7.18
N TYR A 39 -14.28 -0.14 -7.63
CA TYR A 39 -13.32 0.95 -7.38
C TYR A 39 -13.82 1.80 -6.21
N SER A 40 -13.04 1.83 -5.13
CA SER A 40 -13.45 2.48 -3.88
C SER A 40 -12.33 3.21 -3.17
N SER A 41 -12.69 4.30 -2.51
CA SER A 41 -11.73 5.04 -1.74
C SER A 41 -11.77 4.64 -0.28
N LEU A 42 -12.70 3.77 0.10
CA LEU A 42 -12.83 3.31 1.48
C LEU A 42 -11.65 2.39 1.77
N ASP A 43 -10.81 2.78 2.72
CA ASP A 43 -9.59 2.01 3.03
C ASP A 43 -9.95 0.54 3.26
N GLU A 44 -9.24 -0.34 2.57
CA GLU A 44 -9.60 -1.76 2.52
C GLU A 44 -9.84 -2.44 3.86
N PRO A 45 -8.99 -2.20 4.88
CA PRO A 45 -9.27 -2.88 6.15
C PRO A 45 -10.58 -2.49 6.79
N LEU A 46 -11.02 -1.25 6.60
CA LEU A 46 -12.34 -0.85 7.08
C LEU A 46 -13.48 -1.39 6.18
N ALA A 47 -13.17 -1.63 4.92
CA ALA A 47 -14.13 -2.16 3.97
C ALA A 47 -14.43 -3.66 4.16
N THR A 48 -13.50 -4.38 4.81
CA THR A 48 -13.55 -5.83 4.87
C THR A 48 -14.83 -6.38 5.48
N PRO A 49 -15.34 -5.82 6.60
CA PRO A 49 -16.63 -6.25 7.15
C PRO A 49 -17.84 -6.07 6.20
N MET A 50 -17.81 -5.03 5.38
CA MET A 50 -18.85 -4.85 4.35
C MET A 50 -18.74 -5.92 3.28
N ILE A 51 -17.50 -6.16 2.82
CA ILE A 51 -17.25 -7.21 1.85
C ILE A 51 -17.69 -8.59 2.40
N GLU A 52 -17.31 -8.89 3.64
CA GLU A 52 -17.69 -10.16 4.25
C GLU A 52 -19.21 -10.30 4.38
N GLY A 53 -19.88 -9.22 4.77
CA GLY A 53 -21.35 -9.24 4.90
C GLY A 53 -22.03 -9.50 3.57
N PHE A 54 -21.57 -8.80 2.55
CA PHE A 54 -22.06 -9.00 1.19
C PHE A 54 -21.89 -10.44 0.74
N GLN A 55 -20.69 -10.99 0.97
CA GLN A 55 -20.36 -12.35 0.54
C GLN A 55 -21.16 -13.43 1.28
N LYS A 56 -21.36 -13.27 2.58
CA LYS A 56 -22.25 -14.15 3.36
C LYS A 56 -23.67 -14.14 2.81
N ALA A 57 -24.17 -12.98 2.41
CA ALA A 57 -25.49 -12.86 1.77
C ALA A 57 -25.46 -13.46 0.35
N ASN A 58 -24.30 -13.46 -0.28
CA ASN A 58 -24.14 -13.86 -1.69
C ASN A 58 -22.94 -14.80 -1.85
N PRO A 59 -23.07 -16.06 -1.39
CA PRO A 59 -21.94 -16.97 -1.35
C PRO A 59 -21.31 -17.37 -2.69
N ASP A 60 -21.98 -17.09 -3.81
CA ASP A 60 -21.44 -17.42 -5.13
C ASP A 60 -20.68 -16.26 -5.81
N ILE A 61 -20.51 -15.13 -5.13
CA ILE A 61 -19.88 -13.97 -5.75
C ILE A 61 -18.49 -13.67 -5.22
N ALA A 62 -17.51 -13.68 -6.11
CA ALA A 62 -16.16 -13.22 -5.81
C ALA A 62 -16.17 -11.69 -5.84
N VAL A 63 -15.29 -11.07 -5.03
CA VAL A 63 -15.18 -9.60 -4.97
C VAL A 63 -13.74 -9.17 -5.23
N HIS A 64 -13.58 -8.37 -6.28
CA HIS A 64 -12.33 -7.77 -6.66
C HIS A 64 -12.36 -6.29 -6.25
N TYR A 65 -11.70 -5.99 -5.13
CA TYR A 65 -11.81 -4.70 -4.48
C TYR A 65 -10.57 -3.90 -4.72
N GLU A 66 -10.71 -2.77 -5.41
CA GLU A 66 -9.61 -1.84 -5.66
C GLU A 66 -9.77 -0.56 -4.86
N ASP A 67 -8.83 -0.38 -3.94
CA ASP A 67 -8.74 0.75 -3.03
C ASP A 67 -7.80 1.76 -3.71
N MET A 68 -8.36 2.91 -4.04
CA MET A 68 -7.66 3.92 -4.77
C MET A 68 -8.12 5.33 -4.38
N LEU A 69 -7.31 6.31 -4.73
CA LEU A 69 -7.66 7.73 -4.47
C LEU A 69 -8.89 8.14 -5.26
N THR A 70 -9.67 9.07 -4.70
CA THR A 70 -10.94 9.51 -5.29
C THR A 70 -10.74 10.04 -6.74
N GLY A 71 -9.67 10.79 -6.94
CA GLY A 71 -9.35 11.36 -8.26
C GLY A 71 -9.03 10.30 -9.30
N GLU A 72 -8.50 9.18 -8.84
CA GLU A 72 -8.18 8.06 -9.69
C GLU A 72 -9.41 7.24 -10.05
N ILE A 73 -10.36 7.12 -9.12
CA ILE A 73 -11.65 6.50 -9.42
C ILE A 73 -12.26 7.24 -10.59
N TYR A 74 -12.35 8.55 -10.49
CA TYR A 74 -12.89 9.39 -11.56
C TYR A 74 -12.11 9.22 -12.87
N ASP A 75 -10.81 9.47 -12.84
CA ASP A 75 -9.98 9.39 -14.04
C ASP A 75 -10.06 8.04 -14.73
N ARG A 76 -10.04 6.98 -13.95
CA ARG A 76 -10.03 5.65 -14.50
C ARG A 76 -11.36 5.26 -15.15
N ILE A 77 -12.46 5.59 -14.49
CA ILE A 77 -13.77 5.31 -15.06
C ILE A 77 -13.97 6.07 -16.38
N VAL A 78 -13.57 7.34 -16.39
CA VAL A 78 -13.66 8.16 -17.63
C VAL A 78 -12.76 7.57 -18.74
N LYS A 79 -11.52 7.26 -18.43
CA LYS A 79 -10.60 6.69 -19.39
C LYS A 79 -11.03 5.35 -19.96
N GLU A 80 -11.44 4.45 -19.08
CA GLU A 80 -11.87 3.12 -19.50
C GLU A 80 -13.15 3.20 -20.32
N THR A 81 -14.11 3.98 -19.86
CA THR A 81 -15.36 4.14 -20.58
C THR A 81 -15.09 4.74 -21.96
N ASP A 82 -14.33 5.83 -22.01
CA ASP A 82 -14.03 6.52 -23.27
C ASP A 82 -13.32 5.59 -24.27
N ALA A 83 -12.51 4.69 -23.75
CA ALA A 83 -11.76 3.71 -24.56
C ALA A 83 -12.61 2.59 -25.16
N GLY A 84 -13.89 2.52 -24.80
CA GLY A 84 -14.77 1.45 -25.27
C GLY A 84 -14.59 0.17 -24.48
N LYS A 85 -13.88 0.28 -23.35
CA LYS A 85 -13.64 -0.88 -22.50
C LYS A 85 -14.69 -0.97 -21.40
N LYS A 86 -14.72 -2.11 -20.72
CA LYS A 86 -15.50 -2.20 -19.52
C LYS A 86 -14.77 -1.55 -18.32
N THR A 87 -15.51 -1.25 -17.28
CA THR A 87 -14.97 -0.59 -16.11
C THR A 87 -15.56 -1.28 -14.86
N ALA A 88 -15.38 -0.67 -13.70
CA ALA A 88 -15.89 -1.22 -12.44
C ALA A 88 -17.40 -1.42 -12.49
N ASP A 89 -17.89 -2.33 -11.66
CA ASP A 89 -19.30 -2.57 -11.51
C ASP A 89 -19.94 -1.63 -10.46
N PHE A 90 -19.11 -1.12 -9.55
CA PHE A 90 -19.49 -0.20 -8.46
C PHE A 90 -18.34 0.76 -8.17
N ALA A 91 -18.67 2.06 -8.12
CA ALA A 91 -17.74 3.11 -7.79
C ALA A 91 -18.22 3.72 -6.50
N PHE A 92 -17.33 3.80 -5.52
CA PHE A 92 -17.68 4.28 -4.19
C PHE A 92 -16.62 5.29 -3.73
N SER A 93 -17.02 6.56 -3.59
CA SER A 93 -16.09 7.66 -3.41
C SER A 93 -16.60 8.75 -2.51
N SER A 94 -15.68 9.28 -1.71
CA SER A 94 -15.91 10.39 -0.84
C SER A 94 -15.77 11.72 -1.60
N ALA A 95 -15.30 11.68 -2.84
CA ALA A 95 -15.23 12.88 -3.67
C ALA A 95 -16.62 13.11 -4.35
N MET A 96 -17.52 13.71 -3.59
CA MET A 96 -18.95 13.76 -3.92
C MET A 96 -19.13 14.43 -5.26
N ASP A 97 -18.41 15.52 -5.44
CA ASP A 97 -18.44 16.29 -6.66
C ASP A 97 -18.03 15.51 -7.90
N LEU A 98 -16.99 14.69 -7.80
CA LEU A 98 -16.52 13.90 -8.93
C LEU A 98 -17.53 12.81 -9.26
N GLN A 99 -18.20 12.27 -8.24
CA GLN A 99 -19.22 11.25 -8.46
C GLN A 99 -20.46 11.82 -9.14
N VAL A 100 -20.88 12.99 -8.71
CA VAL A 100 -22.01 13.66 -9.35
C VAL A 100 -21.63 14.08 -10.78
N LYS A 101 -20.42 14.58 -10.98
CA LYS A 101 -19.94 14.80 -12.36
C LYS A 101 -19.98 13.57 -13.28
N LEU A 102 -19.46 12.42 -12.84
CA LEU A 102 -19.61 11.19 -13.64
C LEU A 102 -21.07 10.97 -14.01
N SER A 103 -21.95 11.08 -13.01
CA SER A 103 -23.36 10.79 -13.19
C SER A 103 -23.99 11.80 -14.16
N ASN A 104 -23.61 13.07 -14.01
CA ASN A 104 -24.07 14.12 -14.91
C ASN A 104 -23.60 13.93 -16.38
N ASP A 105 -22.39 13.39 -16.58
CA ASP A 105 -21.78 13.33 -17.91
C ASP A 105 -22.04 12.01 -18.61
N GLY A 106 -22.87 11.15 -18.02
CA GLY A 106 -23.26 9.91 -18.69
C GLY A 106 -22.42 8.68 -18.35
N TYR A 107 -21.52 8.81 -17.38
CA TYR A 107 -20.65 7.71 -16.98
C TYR A 107 -21.25 6.75 -15.95
N ALA A 108 -22.43 7.09 -15.42
CA ALA A 108 -23.18 6.22 -14.54
C ALA A 108 -24.42 5.70 -15.26
N GLN A 109 -25.08 4.72 -14.64
CA GLN A 109 -26.39 4.26 -15.10
C GLN A 109 -27.34 4.19 -13.89
N ARG A 110 -28.63 4.34 -14.16
CA ARG A 110 -29.66 4.39 -13.15
C ARG A 110 -29.76 3.05 -12.46
N SER A 111 -30.00 3.11 -11.15
CA SER A 111 -30.19 1.93 -10.34
C SER A 111 -31.50 2.04 -9.59
N ASP A 112 -32.55 1.41 -10.12
CA ASP A 112 -33.88 1.44 -9.53
C ASP A 112 -33.99 0.27 -8.59
N LEU A 113 -33.84 0.55 -7.30
CA LEU A 113 -33.71 -0.52 -6.31
C LEU A 113 -34.81 -0.46 -5.26
N ALA A 114 -34.77 -1.49 -4.40
CA ALA A 114 -35.68 -1.68 -3.25
C ALA A 114 -35.81 -0.45 -2.38
N MET A 115 -34.69 0.07 -1.89
CA MET A 115 -34.72 1.24 -1.01
C MET A 115 -34.70 2.61 -1.72
N SER A 116 -34.77 2.63 -3.06
CA SER A 116 -34.61 3.90 -3.80
C SER A 116 -35.63 4.98 -3.43
N ALA A 117 -36.91 4.65 -3.51
CA ALA A 117 -37.95 5.65 -3.28
C ALA A 117 -37.94 6.21 -1.84
N ARG A 118 -37.57 5.37 -0.87
CA ARG A 118 -37.53 5.79 0.53
C ARG A 118 -36.18 6.32 1.02
N TRP A 119 -35.19 6.32 0.14
CA TRP A 119 -33.86 6.84 0.48
C TRP A 119 -34.00 8.34 0.70
N PRO A 120 -33.35 8.88 1.74
CA PRO A 120 -33.51 10.31 1.97
C PRO A 120 -33.27 11.10 0.70
N ALA A 121 -34.15 12.07 0.43
CA ALA A 121 -34.17 12.78 -0.85
C ALA A 121 -32.86 13.53 -1.14
N TRP A 122 -32.30 14.14 -0.10
CA TRP A 122 -31.01 14.82 -0.23
C TRP A 122 -29.89 13.86 -0.70
N ALA A 123 -30.06 12.58 -0.42
CA ALA A 123 -29.03 11.56 -0.60
C ALA A 123 -29.24 10.75 -1.89
N ASN A 124 -30.11 11.23 -2.78
CA ASN A 124 -30.40 10.52 -4.02
C ASN A 124 -30.45 11.50 -5.21
N TRP A 125 -29.51 11.38 -6.13
CA TRP A 125 -29.57 12.05 -7.43
C TRP A 125 -30.06 11.06 -8.50
N ARG A 126 -31.32 11.21 -8.91
CA ARG A 126 -31.91 10.48 -10.03
C ARG A 126 -31.79 8.97 -10.00
N ASN A 127 -31.91 8.40 -8.80
CA ASN A 127 -31.81 6.94 -8.60
C ASN A 127 -30.49 6.37 -9.16
N THR A 128 -29.49 7.24 -9.28
CA THR A 128 -28.25 6.96 -9.98
C THR A 128 -27.02 7.03 -9.05
N ALA A 129 -26.83 8.20 -8.41
CA ALA A 129 -25.83 8.44 -7.38
C ALA A 129 -26.50 8.55 -6.01
N TYR A 130 -26.05 7.73 -5.07
CA TYR A 130 -26.59 7.67 -3.73
C TYR A 130 -25.54 7.99 -2.68
N ALA A 131 -25.86 8.92 -1.80
CA ALA A 131 -25.03 9.21 -0.64
C ALA A 131 -25.31 8.15 0.39
N LEU A 132 -24.28 7.52 0.91
CA LEU A 132 -24.46 6.33 1.78
C LEU A 132 -23.98 6.42 3.23
N THR A 133 -23.22 7.47 3.54
CA THR A 133 -22.61 7.66 4.85
C THR A 133 -22.75 9.14 5.22
N PHE A 134 -22.39 9.47 6.44
CA PHE A 134 -22.46 10.86 6.96
C PHE A 134 -21.21 11.05 7.85
N GLU A 135 -20.13 11.57 7.28
CA GLU A 135 -18.78 11.59 7.91
C GLU A 135 -18.17 12.99 8.03
N PRO A 136 -17.81 13.43 9.25
CA PRO A 136 -17.29 14.78 9.44
C PRO A 136 -15.78 14.92 9.20
N ALA A 137 -15.37 16.13 8.81
CA ALA A 137 -13.96 16.54 8.74
C ALA A 137 -13.59 17.18 10.06
N VAL A 138 -12.62 16.57 10.73
CA VAL A 138 -12.33 16.88 12.14
C VAL A 138 -10.87 17.27 12.35
N PHE A 139 -10.60 17.84 13.52
CA PHE A 139 -9.22 18.04 13.97
C PHE A 139 -8.80 16.76 14.68
N VAL A 140 -7.52 16.44 14.55
CA VAL A 140 -6.91 15.40 15.30
C VAL A 140 -5.69 15.99 16.00
N TYR A 141 -5.33 15.42 17.13
CA TYR A 141 -4.16 15.88 17.88
C TYR A 141 -3.45 14.73 18.56
N HIS A 142 -2.18 14.96 18.86
CA HIS A 142 -1.35 14.05 19.63
C HIS A 142 -1.52 14.38 21.13
N LYS A 143 -2.28 13.56 21.83
CA LYS A 143 -2.64 13.79 23.24
C LYS A 143 -1.44 14.11 24.13
N PRO A 144 -0.36 13.32 24.06
CA PRO A 144 0.84 13.67 24.85
C PRO A 144 1.42 15.04 24.60
N SER A 145 1.11 15.65 23.46
CA SER A 145 1.62 17.00 23.13
C SER A 145 0.75 18.12 23.69
N PHE A 146 -0.42 17.79 24.21
CA PHE A 146 -1.37 18.78 24.71
C PHE A 146 -1.63 18.56 26.19
N THR A 147 -0.55 18.62 26.94
CA THR A 147 -0.64 18.35 28.35
C THR A 147 -0.80 19.60 29.24
N THR A 148 -0.30 20.77 28.84
CA THR A 148 -0.57 22.00 29.64
C THR A 148 -1.54 22.95 28.96
N GLU A 149 -2.06 22.54 27.81
CA GLU A 149 -3.08 23.31 27.14
C GLU A 149 -3.90 22.40 26.27
N LYS A 150 -5.20 22.61 26.27
CA LYS A 150 -6.09 21.75 25.49
C LYS A 150 -5.98 22.10 23.99
N PRO A 151 -6.30 21.14 23.10
CA PRO A 151 -6.14 21.49 21.69
C PRO A 151 -7.18 22.49 21.22
N PRO A 152 -6.92 23.17 20.07
CA PRO A 152 -7.84 24.13 19.49
C PRO A 152 -9.14 23.44 19.04
N ALA A 153 -10.27 24.11 19.24
CA ALA A 153 -11.60 23.57 18.93
C ALA A 153 -12.34 24.37 17.84
N THR A 154 -11.73 25.44 17.37
CA THR A 154 -12.25 26.25 16.30
C THR A 154 -11.08 26.64 15.40
N ARG A 155 -11.38 27.18 14.25
CA ARG A 155 -10.36 27.64 13.32
C ARG A 155 -9.59 28.86 13.84
N ALA A 156 -10.29 29.78 14.49
CA ALA A 156 -9.63 30.88 15.20
C ALA A 156 -8.62 30.36 16.22
N GLU A 157 -9.03 29.40 17.05
CA GLU A 157 -8.14 28.81 18.05
C GLU A 157 -6.96 28.06 17.44
N PHE A 158 -7.20 27.44 16.29
CA PHE A 158 -6.16 26.70 15.61
C PHE A 158 -5.05 27.66 15.21
N VAL A 159 -5.44 28.76 14.57
CA VAL A 159 -4.51 29.77 14.08
C VAL A 159 -3.74 30.42 15.23
N ASP A 160 -4.47 30.78 16.28
CA ASP A 160 -3.84 31.32 17.50
C ASP A 160 -2.83 30.36 18.13
N TYR A 161 -3.18 29.08 18.23
CA TYR A 161 -2.24 28.08 18.77
C TYR A 161 -0.96 28.01 17.93
N LEU A 162 -1.13 27.97 16.61
CA LEU A 162 0.01 27.95 15.68
C LEU A 162 0.93 29.14 15.90
N GLU A 163 0.33 30.30 16.12
CA GLU A 163 1.07 31.54 16.34
C GLU A 163 1.76 31.53 17.71
N ARG A 164 1.03 31.20 18.77
CA ARG A 164 1.64 31.13 20.10
C ARG A 164 2.71 30.05 20.25
N HIS A 165 2.68 29.00 19.44
CA HIS A 165 3.68 27.93 19.50
C HIS A 165 4.50 27.77 18.22
N ALA A 166 4.81 28.90 17.58
CA ALA A 166 5.49 28.91 16.28
C ALA A 166 6.59 27.86 16.12
N LYS A 167 7.51 27.79 17.07
CA LYS A 167 8.69 26.92 16.95
C LYS A 167 8.36 25.47 17.21
N GLU A 168 7.51 25.19 18.18
CA GLU A 168 7.14 23.81 18.48
C GLU A 168 6.36 23.15 17.35
N VAL A 169 5.37 23.87 16.80
CA VAL A 169 4.47 23.31 15.76
C VAL A 169 5.07 23.24 14.38
N HIS A 170 6.16 23.97 14.12
CA HIS A 170 6.63 24.17 12.76
C HIS A 170 7.03 22.86 12.06
N GLY A 171 6.38 22.58 10.93
CA GLY A 171 6.56 21.32 10.22
C GLY A 171 5.98 20.12 10.95
N ARG A 172 5.14 20.36 11.97
CA ARG A 172 4.54 19.27 12.73
C ARG A 172 3.01 19.39 12.75
N ILE A 173 2.47 20.01 11.69
CA ILE A 173 1.03 19.94 11.44
C ILE A 173 0.81 19.48 10.03
N ALA A 174 -0.38 18.93 9.79
CA ALA A 174 -0.66 18.31 8.49
C ALA A 174 -2.13 18.45 8.08
N THR A 175 -2.35 18.41 6.76
CA THR A 175 -3.68 18.43 6.18
C THR A 175 -3.65 17.73 4.80
N TYR A 176 -4.82 17.60 4.19
CA TYR A 176 -4.93 17.02 2.86
C TYR A 176 -4.26 17.92 1.83
N ASP A 177 -3.52 17.29 0.95
CA ASP A 177 -3.11 17.90 -0.30
C ASP A 177 -4.32 17.88 -1.22
N ILE A 178 -4.93 19.04 -1.37
CA ILE A 178 -6.16 19.14 -2.12
C ILE A 178 -5.94 18.91 -3.62
N GLU A 179 -4.70 19.00 -4.07
CA GLU A 179 -4.37 18.69 -5.46
C GLU A 179 -4.40 17.21 -5.71
N ARG A 180 -4.13 16.41 -4.70
CA ARG A 180 -4.01 14.97 -4.86
C ARG A 180 -5.08 14.21 -4.10
N GLY A 182 -9.28 14.10 -3.83
CA GLY A 182 -10.56 14.75 -4.12
C GLY A 182 -11.40 15.05 -2.89
N VAL A 183 -11.31 14.26 -1.83
CA VAL A 183 -12.09 14.59 -0.60
C VAL A 183 -11.48 15.82 0.10
N GLY A 184 -10.17 15.93 0.07
CA GLY A 184 -9.49 17.16 0.51
C GLY A 184 -9.99 18.38 -0.22
N PHE A 185 -10.02 18.31 -1.56
CA PHE A 185 -10.54 19.41 -2.33
C PHE A 185 -12.00 19.75 -1.94
N LEU A 186 -12.83 18.72 -1.83
CA LEU A 186 -14.22 18.93 -1.41
C LEU A 186 -14.28 19.69 -0.10
N PHE A 187 -13.52 19.25 0.90
CA PHE A 187 -13.58 19.90 2.19
C PHE A 187 -13.13 21.37 2.07
N MET A 188 -12.05 21.63 1.34
CA MET A 188 -11.59 23.02 1.13
C MET A 188 -12.67 23.85 0.43
N SER A 189 -13.31 23.28 -0.57
CA SER A 189 -14.32 24.04 -1.31
C SER A 189 -15.52 24.38 -0.41
N ARG A 190 -15.85 23.46 0.51
CA ARG A 190 -16.90 23.71 1.50
C ARG A 190 -16.47 24.72 2.58
N ASP A 191 -15.24 24.61 3.07
CA ASP A 191 -14.68 25.60 3.99
C ASP A 191 -14.81 27.03 3.42
N GLN A 192 -14.43 27.20 2.16
CA GLN A 192 -14.56 28.47 1.47
C GLN A 192 -16.00 29.01 1.46
N GLU A 193 -17.00 28.12 1.37
CA GLU A 193 -18.43 28.53 1.40
C GLU A 193 -18.97 28.88 2.81
N GLN A 194 -18.40 28.30 3.87
CA GLN A 194 -18.80 28.67 5.25
C GLN A 194 -18.04 29.90 5.67
N PHE A 195 -16.72 29.74 5.62
CA PHE A 195 -15.76 30.53 6.34
C PHE A 195 -15.15 31.47 5.32
N GLY A 196 -15.54 32.74 5.38
CA GLY A 196 -15.04 33.75 4.46
C GLY A 196 -13.53 33.83 4.56
N ASP A 197 -13.04 33.92 5.79
CA ASP A 197 -11.62 34.02 6.07
C ASP A 197 -10.93 32.65 6.30
N ILE A 198 -11.29 31.66 5.47
CA ILE A 198 -10.55 30.40 5.49
C ILE A 198 -9.10 30.62 5.07
N TRP A 199 -8.86 31.66 4.28
CA TRP A 199 -7.52 31.91 3.75
C TRP A 199 -6.53 32.32 4.84
N SER A 200 -7.01 32.99 5.88
CA SER A 200 -6.16 33.24 7.06
C SER A 200 -5.70 31.91 7.69
N VAL A 201 -6.62 30.93 7.74
CA VAL A 201 -6.26 29.59 8.22
C VAL A 201 -5.21 28.93 7.31
N ILE A 202 -5.45 28.94 6.01
CA ILE A 202 -4.50 28.34 5.05
C ILE A 202 -3.13 29.02 5.15
N LYS A 203 -3.13 30.34 5.19
CA LYS A 203 -1.89 31.11 5.34
C LYS A 203 -1.16 30.74 6.64
N ALA A 204 -1.86 30.75 7.77
CA ALA A 204 -1.27 30.32 9.05
C ALA A 204 -0.64 28.93 8.96
N MET A 205 -1.30 27.98 8.29
CA MET A 205 -0.78 26.62 8.17
C MET A 205 0.52 26.63 7.34
N GLY A 206 0.52 27.40 6.26
CA GLY A 206 1.72 27.55 5.43
C GLY A 206 2.91 28.15 6.20
N ALA A 207 2.64 29.14 7.06
CA ALA A 207 3.67 29.72 7.95
C ALA A 207 4.16 28.74 9.01
N ALA A 208 3.28 27.85 9.46
CA ALA A 208 3.64 26.73 10.33
C ALA A 208 4.32 25.57 9.60
N GLY A 209 4.58 25.71 8.30
CA GLY A 209 5.26 24.68 7.54
C GLY A 209 4.42 23.41 7.41
N VAL A 210 3.13 23.59 7.16
CA VAL A 210 2.21 22.43 7.04
C VAL A 210 2.67 21.44 5.98
N LYS A 211 2.60 20.14 6.32
CA LYS A 211 2.87 19.06 5.41
C LYS A 211 1.56 18.52 4.88
N VAL A 212 1.50 18.23 3.59
CA VAL A 212 0.24 17.83 2.95
C VAL A 212 0.33 16.42 2.39
N TYR A 213 -0.74 15.65 2.58
CA TYR A 213 -0.77 14.25 2.20
C TYR A 213 -2.07 13.95 1.43
N SER A 214 -2.04 12.86 0.68
CA SER A 214 -3.18 12.42 -0.10
C SER A 214 -4.18 11.61 0.71
N THR A 215 -3.80 11.12 1.91
CA THR A 215 -4.69 10.27 2.68
C THR A 215 -4.78 10.66 4.17
N SER A 216 -5.95 10.42 4.77
CA SER A 216 -6.11 10.62 6.20
C SER A 216 -5.21 9.66 6.93
N SER A 217 -5.11 8.42 6.44
CA SER A 217 -4.31 7.40 7.12
C SER A 217 -2.85 7.82 7.29
N ALA A 218 -2.24 8.44 6.28
CA ALA A 218 -0.86 8.93 6.37
C ALA A 218 -0.71 9.97 7.50
N ILE A 219 -1.69 10.84 7.61
CA ILE A 219 -1.65 11.87 8.63
C ILE A 219 -1.88 11.23 10.00
N LEU A 220 -2.86 10.33 10.09
CA LEU A 220 -3.15 9.66 11.34
C LEU A 220 -1.95 8.89 11.88
N GLU A 221 -1.24 8.16 11.03
CA GLU A 221 -0.02 7.45 11.51
C GLU A 221 0.99 8.40 12.14
N ARG A 222 1.14 9.60 11.58
CA ARG A 222 2.14 10.56 12.03
C ARG A 222 1.72 11.35 13.28
N VAL A 223 0.43 11.64 13.40
CA VAL A 223 -0.15 12.21 14.63
C VAL A 223 -0.08 11.18 15.76
N SER A 224 -0.31 9.91 15.42
CA SER A 224 -0.39 8.83 16.42
C SER A 224 0.87 8.70 17.24
N ASP A 225 2.02 8.81 16.57
CA ASP A 225 3.29 8.66 17.24
C ASP A 225 4.01 9.98 17.44
N GLY A 226 3.28 11.08 17.33
CA GLY A 226 3.80 12.36 17.75
C GLY A 226 4.72 13.06 16.78
N ARG A 227 4.97 12.51 15.59
CA ARG A 227 5.71 13.27 14.57
C ARG A 227 5.00 14.59 14.26
N PHE A 228 3.66 14.53 14.26
CA PHE A 228 2.80 15.69 14.08
C PHE A 228 1.99 15.88 15.34
N VAL A 229 1.71 17.13 15.67
CA VAL A 229 0.90 17.43 16.86
C VAL A 229 -0.59 17.67 16.52
N LEU A 230 -0.86 18.10 15.30
CA LEU A 230 -2.22 18.43 14.85
C LEU A 230 -2.44 18.03 13.39
N GLY A 231 -3.64 17.54 13.09
CA GLY A 231 -4.12 17.42 11.72
C GLY A 231 -5.43 18.15 11.51
N TYR A 232 -5.62 18.68 10.31
CA TYR A 232 -6.76 19.51 9.96
C TYR A 232 -7.56 18.87 8.81
N ASN A 233 -8.89 18.84 8.94
CA ASN A 233 -9.80 18.26 7.92
C ASN A 233 -9.61 16.78 7.68
N ILE A 234 -9.43 16.04 8.77
CA ILE A 234 -9.19 14.61 8.70
C ILE A 234 -10.54 13.92 8.78
N LEU A 235 -10.67 12.76 8.12
CA LEU A 235 -11.89 11.97 8.20
C LEU A 235 -12.13 11.48 9.63
N GLY A 236 -13.25 11.87 10.21
CA GLY A 236 -13.57 11.54 11.60
C GLY A 236 -13.76 10.06 11.83
N SER A 237 -14.30 9.38 10.82
CA SER A 237 -14.53 7.93 10.90
C SER A 237 -13.20 7.19 11.03
N TYR A 238 -12.23 7.55 10.18
CA TYR A 238 -10.91 6.96 10.21
C TYR A 238 -10.21 7.35 11.50
N ALA A 239 -10.41 8.59 11.96
CA ALA A 239 -9.78 9.04 13.18
C ALA A 239 -10.30 8.22 14.36
N ALA A 240 -11.61 8.00 14.43
CA ALA A 240 -12.21 7.17 15.48
C ALA A 240 -11.69 5.73 15.40
N ASP A 241 -11.51 5.19 14.20
CA ASP A 241 -10.92 3.86 14.02
C ASP A 241 -9.51 3.77 14.56
N TRP A 242 -8.68 4.74 14.18
CA TRP A 242 -7.32 4.85 14.69
C TRP A 242 -7.27 4.97 16.21
N ALA A 243 -8.04 5.92 16.74
CA ALA A 243 -8.09 6.20 18.17
C ALA A 243 -8.51 4.98 18.98
N SER A 244 -9.37 4.13 18.40
CA SER A 244 -9.78 2.90 19.07
C SER A 244 -8.63 1.93 19.29
N ARG A 245 -7.58 2.01 18.46
CA ARG A 245 -6.40 1.15 18.56
C ARG A 245 -5.16 1.88 19.10
N HIS A 246 -5.12 3.20 18.94
CA HIS A 246 -3.96 4.01 19.32
C HIS A 246 -4.40 5.16 20.23
N PRO A 247 -4.20 4.99 21.55
CA PRO A 247 -4.78 5.92 22.53
C PRO A 247 -4.27 7.36 22.47
N ASP A 248 -3.12 7.61 21.84
CA ASP A 248 -2.58 8.97 21.74
C ASP A 248 -3.15 9.87 20.62
N VAL A 249 -4.09 9.35 19.83
CA VAL A 249 -4.79 10.17 18.85
C VAL A 249 -6.09 10.68 19.46
N GLY A 250 -6.17 11.99 19.61
CA GLY A 250 -7.40 12.66 20.03
C GLY A 250 -8.09 13.31 18.85
N ILE A 251 -9.39 13.53 19.00
CA ILE A 251 -10.26 14.08 17.98
C ILE A 251 -11.04 15.27 18.54
N VAL A 252 -11.18 16.32 17.73
CA VAL A 252 -12.07 17.46 18.03
C VAL A 252 -12.96 17.73 16.84
N LEU A 253 -14.28 17.65 17.03
CA LEU A 253 -15.21 18.14 16.01
C LEU A 253 -15.21 19.65 16.15
N PRO A 254 -14.79 20.37 15.11
CA PRO A 254 -14.74 21.81 15.27
C PRO A 254 -16.08 22.46 15.68
N LYS A 255 -16.01 23.34 16.66
CA LYS A 255 -17.20 23.93 17.26
C LYS A 255 -17.75 25.12 16.49
N ASP A 256 -16.90 25.83 15.75
CA ASP A 256 -17.35 26.89 14.84
C ASP A 256 -18.21 26.33 13.68
N TYR A 257 -17.72 25.32 12.98
CA TYR A 257 -18.58 24.55 12.08
C TYR A 257 -17.86 23.25 11.73
N THR A 258 -18.63 22.24 11.34
CA THR A 258 -18.06 20.96 10.96
C THR A 258 -18.62 20.57 9.59
N VAL A 259 -17.75 20.51 8.59
CA VAL A 259 -18.14 20.04 7.29
C VAL A 259 -18.39 18.52 7.33
N VAL A 260 -19.46 18.09 6.65
CA VAL A 260 -19.82 16.67 6.61
C VAL A 260 -19.92 16.20 5.15
N MET A 261 -19.29 15.09 4.86
CA MET A 261 -19.40 14.51 3.53
C MET A 261 -20.14 13.21 3.63
N SER A 262 -20.53 12.70 2.47
CA SER A 262 -21.23 11.44 2.39
C SER A 262 -20.60 10.66 1.25
N ARG A 263 -20.19 9.42 1.48
CA ARG A 263 -19.65 8.60 0.38
C ARG A 263 -20.78 8.32 -0.63
N ILE A 264 -20.47 8.48 -1.89
CA ILE A 264 -21.44 8.31 -2.97
C ILE A 264 -21.15 7.06 -3.76
N GLY A 265 -22.16 6.20 -3.87
CA GLY A 265 -22.10 5.01 -4.67
C GLY A 265 -22.92 5.13 -5.94
N LEU A 266 -22.38 4.55 -7.00
CA LEU A 266 -23.06 4.49 -8.32
C LEU A 266 -22.52 3.28 -9.10
N VAL A 267 -23.30 2.82 -10.09
CA VAL A 267 -22.93 1.77 -11.00
C VAL A 267 -22.56 2.44 -12.31
N PRO A 268 -21.31 2.29 -12.75
CA PRO A 268 -20.88 2.83 -14.01
C PRO A 268 -21.68 2.28 -15.23
N GLU A 269 -21.92 3.16 -16.19
CA GLU A 269 -22.52 2.80 -17.46
C GLU A 269 -21.81 1.63 -18.15
N ALA A 270 -20.48 1.58 -18.05
CA ALA A 270 -19.64 0.57 -18.72
C ALA A 270 -19.26 -0.62 -17.84
N ALA A 271 -19.99 -0.79 -16.74
CA ALA A 271 -19.84 -1.95 -15.89
C ALA A 271 -19.91 -3.23 -16.71
N ALA A 272 -19.00 -4.17 -16.43
CA ALA A 272 -19.06 -5.47 -17.05
C ALA A 272 -20.22 -6.26 -16.45
N ASN A 273 -20.47 -6.05 -15.15
CA ASN A 273 -21.53 -6.75 -14.45
C ASN A 273 -22.38 -5.78 -13.64
N PRO A 274 -23.20 -4.98 -14.31
CA PRO A 274 -23.99 -3.98 -13.62
C PRO A 274 -24.93 -4.59 -12.59
N GLU A 275 -25.37 -5.81 -12.85
CA GLU A 275 -26.28 -6.49 -11.95
C GLU A 275 -25.61 -6.76 -10.61
N LEU A 276 -24.35 -7.18 -10.64
CA LEU A 276 -23.61 -7.42 -9.39
C LEU A 276 -23.33 -6.10 -8.66
N GLY A 277 -23.01 -5.07 -9.44
CA GLY A 277 -22.86 -3.72 -8.94
C GLY A 277 -24.08 -3.22 -8.20
N ARG A 278 -25.26 -3.38 -8.80
CA ARG A 278 -26.50 -3.00 -8.15
C ARG A 278 -26.78 -3.83 -6.90
N ARG A 279 -26.39 -5.10 -6.94
CA ARG A 279 -26.55 -5.97 -5.77
C ARG A 279 -25.74 -5.45 -4.58
N TYR A 280 -24.50 -5.08 -4.85
CA TYR A 280 -23.61 -4.52 -3.85
C TYR A 280 -24.14 -3.17 -3.34
N LEU A 281 -24.54 -2.30 -4.26
CA LEU A 281 -25.21 -1.05 -3.87
C LEU A 281 -26.42 -1.28 -2.97
N GLU A 282 -27.30 -2.18 -3.38
CA GLU A 282 -28.43 -2.57 -2.54
C GLU A 282 -27.96 -3.00 -1.14
N PHE A 283 -26.90 -3.81 -1.07
CA PHE A 283 -26.38 -4.23 0.22
C PHE A 283 -25.90 -3.03 1.08
N PHE A 284 -25.14 -2.13 0.47
CA PHE A 284 -24.71 -0.91 1.13
C PHE A 284 -25.85 -0.02 1.60
N MET A 285 -27.02 -0.12 0.96
CA MET A 285 -28.20 0.69 1.32
C MET A 285 -29.08 -0.02 2.35
N SER A 286 -28.88 -1.34 2.49
CA SER A 286 -29.73 -2.22 3.31
C SER A 286 -29.60 -1.93 4.82
N LYS A 287 -30.61 -2.30 5.60
CA LYS A 287 -30.49 -2.21 7.05
C LYS A 287 -29.25 -2.93 7.55
N GLU A 288 -29.01 -4.14 7.05
CA GLU A 288 -27.84 -4.94 7.44
C GLU A 288 -26.52 -4.21 7.14
N GLY A 289 -26.35 -3.77 5.90
CA GLY A 289 -25.13 -3.12 5.50
C GLY A 289 -24.89 -1.82 6.25
N GLN A 290 -25.93 -1.00 6.35
CA GLN A 290 -25.85 0.27 7.08
C GLN A 290 -25.60 0.09 8.57
N THR A 291 -26.08 -1.02 9.14
CA THR A 291 -25.82 -1.33 10.57
C THR A 291 -24.34 -1.74 10.80
N ILE A 292 -23.75 -2.46 9.85
CA ILE A 292 -22.31 -2.77 9.90
C ILE A 292 -21.47 -1.51 9.89
N MET A 293 -21.76 -0.59 8.98
CA MET A 293 -21.10 0.74 8.97
C MET A 293 -21.19 1.48 10.33
N ALA A 294 -22.42 1.66 10.79
CA ALA A 294 -22.69 2.39 12.02
C ALA A 294 -22.07 1.72 13.24
N ARG A 295 -22.20 0.40 13.34
CA ARG A 295 -21.86 -0.31 14.56
C ARG A 295 -20.47 -0.88 14.56
N GLN A 296 -19.90 -1.11 13.38
CA GLN A 296 -18.58 -1.72 13.28
C GLN A 296 -17.51 -0.76 12.80
N LEU A 297 -17.82 0.10 11.82
CA LEU A 297 -16.80 0.89 11.15
C LEU A 297 -16.75 2.34 11.61
N GLN A 298 -17.58 2.73 12.58
CA GLN A 298 -17.65 4.12 13.02
C GLN A 298 -17.95 5.07 11.86
N ILE A 299 -18.74 4.59 10.89
CA ILE A 299 -19.16 5.38 9.76
C ILE A 299 -20.69 5.59 9.92
N PRO A 300 -21.09 6.82 10.26
CA PRO A 300 -22.53 7.02 10.50
C PRO A 300 -23.43 6.78 9.27
N ALA A 301 -24.55 6.12 9.54
CA ALA A 301 -25.48 5.62 8.53
C ALA A 301 -26.46 6.72 8.07
N VAL A 302 -26.89 6.59 6.83
CA VAL A 302 -27.93 7.42 6.21
C VAL A 302 -29.31 6.71 6.14
N SER A 303 -29.35 5.39 6.24
CA SER A 303 -30.61 4.65 6.03
C SER A 303 -31.65 5.06 7.05
N PRO A 304 -32.90 5.32 6.60
CA PRO A 304 -33.94 5.65 7.56
C PRO A 304 -34.34 4.44 8.43
N GLU A 305 -33.85 3.25 8.09
CA GLU A 305 -34.07 2.05 8.89
C GLU A 305 -33.10 1.83 10.04
N VAL A 306 -32.05 2.64 10.14
CA VAL A 306 -31.04 2.44 11.18
C VAL A 306 -31.13 3.53 12.28
N ALA A 307 -31.21 3.08 13.53
CA ALA A 307 -31.32 3.97 14.71
C ALA A 307 -30.04 3.91 15.50
N GLY A 308 -29.79 4.94 16.30
CA GLY A 308 -28.64 4.97 17.20
C GLY A 308 -27.81 6.21 17.01
N GLU A 309 -26.67 6.28 17.71
CA GLU A 309 -25.90 7.52 17.75
C GLU A 309 -25.08 7.74 16.47
N ASN A 310 -24.61 6.64 15.86
CA ASN A 310 -23.87 6.73 14.59
C ASN A 310 -24.85 6.74 13.42
N THR A 311 -25.71 7.76 13.38
CA THR A 311 -26.62 7.98 12.28
C THR A 311 -26.67 9.46 11.94
N ALA A 312 -26.98 9.77 10.69
CA ALA A 312 -27.16 11.16 10.28
C ALA A 312 -28.28 11.85 11.08
N ASN A 313 -29.41 11.16 11.29
CA ASN A 313 -30.52 11.73 12.09
C ASN A 313 -30.08 12.18 13.49
N THR A 314 -29.43 11.29 14.22
CA THR A 314 -29.01 11.60 15.58
C THR A 314 -27.92 12.66 15.63
N MET A 315 -26.95 12.58 14.71
CA MET A 315 -25.90 13.59 14.61
C MET A 315 -26.45 14.98 14.36
N GLN A 316 -27.42 15.07 13.45
CA GLN A 316 -28.07 16.34 13.19
C GLN A 316 -28.87 16.80 14.42
N ALA A 317 -29.51 15.83 15.09
CA ALA A 317 -30.30 16.14 16.29
C ALA A 317 -29.43 16.74 17.35
N ILE A 318 -28.30 16.07 17.61
CA ILE A 318 -27.36 16.51 18.66
C ILE A 318 -26.52 17.75 18.32
N HIS A 319 -26.00 17.84 17.09
CA HIS A 319 -25.07 18.92 16.72
C HIS A 319 -25.69 20.12 16.01
N GLY A 320 -26.81 19.91 15.34
CA GLY A 320 -27.55 21.01 14.72
C GLY A 320 -26.78 21.76 13.65
N ALA A 321 -26.88 23.10 13.71
CA ALA A 321 -26.26 23.97 12.70
C ALA A 321 -24.73 24.02 12.74
N GLN A 322 -24.09 23.37 13.72
CA GLN A 322 -22.63 23.17 13.68
C GLN A 322 -22.26 22.39 12.40
N LEU A 323 -23.08 21.40 12.05
CA LEU A 323 -22.82 20.52 10.90
C LEU A 323 -23.16 21.19 9.57
N ARG A 324 -22.27 21.01 8.59
CA ARG A 324 -22.43 21.57 7.26
C ARG A 324 -22.33 20.45 6.21
N PRO A 325 -23.41 19.65 6.06
CA PRO A 325 -23.40 18.57 5.06
C PRO A 325 -23.60 19.08 3.65
N VAL A 326 -23.35 18.20 2.68
CA VAL A 326 -23.42 18.51 1.26
C VAL A 326 -24.56 17.68 0.62
N PRO A 327 -25.56 18.35 0.00
CA PRO A 327 -26.67 17.63 -0.67
C PRO A 327 -26.30 17.14 -2.08
N VAL A 328 -26.89 16.03 -2.50
CA VAL A 328 -26.60 15.39 -3.81
C VAL A 328 -27.68 15.70 -4.87
N SER A 329 -28.93 15.79 -4.41
CA SER A 329 -30.13 15.86 -5.26
C SER A 329 -30.21 17.06 -6.24
N PRO A 330 -29.58 18.22 -5.89
CA PRO A 330 -29.58 19.30 -6.89
C PRO A 330 -28.62 19.02 -8.04
N GLY A 331 -27.65 18.13 -7.82
CA GLY A 331 -26.75 17.74 -8.89
C GLY A 331 -25.55 18.65 -8.96
N LEU A 332 -25.04 18.80 -10.18
CA LEU A 332 -23.68 19.28 -10.36
C LEU A 332 -23.52 20.76 -9.98
N MET A 333 -24.62 21.51 -10.07
CA MET A 333 -24.69 22.93 -9.67
C MET A 333 -24.22 23.25 -8.24
N VAL A 334 -24.36 22.30 -7.31
CA VAL A 334 -23.86 22.48 -5.94
C VAL A 334 -22.32 22.59 -5.90
N TYR A 335 -21.67 21.98 -6.91
CA TYR A 335 -20.22 21.83 -6.95
C TYR A 335 -19.53 22.75 -7.95
N LEU A 336 -18.26 23.03 -7.67
CA LEU A 336 -17.41 23.91 -8.49
C LEU A 336 -17.09 23.28 -9.85
N ASP A 337 -17.27 24.07 -10.91
CA ASP A 337 -16.91 23.62 -12.24
C ASP A 337 -15.38 23.46 -12.39
N GLN A 338 -14.97 22.82 -13.47
CA GLN A 338 -13.56 22.44 -13.69
C GLN A 338 -12.60 23.63 -13.60
N VAL A 339 -12.99 24.77 -14.18
CA VAL A 339 -12.11 25.93 -14.22
C VAL A 339 -12.03 26.60 -12.86
N LYS A 340 -13.17 26.72 -12.17
CA LYS A 340 -13.18 27.22 -10.79
C LYS A 340 -12.43 26.29 -9.86
N ARG A 341 -12.55 24.98 -10.10
CA ARG A 341 -11.78 24.00 -9.39
C ARG A 341 -10.30 24.29 -9.48
N SER A 342 -9.83 24.51 -10.72
CA SER A 342 -8.43 24.81 -11.00
C SER A 342 -8.00 26.11 -10.37
N ARG A 343 -8.88 27.10 -10.37
CA ARG A 343 -8.54 28.38 -9.78
C ARG A 343 -8.37 28.27 -8.26
N LEU A 344 -9.27 27.54 -7.60
CA LEU A 344 -9.20 27.38 -6.14
C LEU A 344 -7.92 26.66 -5.70
N ILE A 345 -7.47 25.71 -6.51
CA ILE A 345 -6.25 24.97 -6.23
C ILE A 345 -5.00 25.86 -6.35
N GLU A 346 -4.96 26.75 -7.34
CA GLU A 346 -3.80 27.63 -7.45
C GLU A 346 -3.80 28.73 -6.38
N ARG A 347 -4.98 29.21 -5.99
CA ARG A 347 -5.11 30.09 -4.83
C ARG A 347 -4.62 29.45 -3.50
N TRP A 348 -4.96 28.18 -3.31
CA TRP A 348 -4.55 27.43 -2.12
C TRP A 348 -3.03 27.28 -2.07
N ASN A 349 -2.40 26.96 -3.20
CA ASN A 349 -0.94 26.90 -3.30
C ASN A 349 -0.31 28.27 -3.05
N GLU A 350 -0.99 29.31 -3.51
CA GLU A 350 -0.55 30.69 -3.35
C GLU A 350 -0.57 31.13 -1.88
N ALA A 351 -1.60 30.73 -1.14
CA ALA A 351 -1.70 31.00 0.30
C ALA A 351 -0.68 30.24 1.15
N LEU A 352 -0.44 28.97 0.82
CA LEU A 352 0.51 28.14 1.57
C LEU A 352 1.95 28.63 1.43
N ARG A 353 2.22 29.36 0.34
CA ARG A 353 3.56 29.89 0.04
C ARG A 353 3.76 31.37 0.42
N SER A 354 2.68 32.14 0.47
CA SER A 354 2.76 33.56 0.86
C SER A 354 3.28 33.74 2.30
N SER B 15 -6.01 -12.56 4.16
CA SER B 15 -6.84 -13.71 3.64
C SER B 15 -7.25 -13.54 2.15
N PRO B 16 -7.73 -12.34 1.75
CA PRO B 16 -7.77 -12.13 0.29
C PRO B 16 -6.35 -12.13 -0.30
N ALA B 17 -6.26 -12.44 -1.59
CA ALA B 17 -5.02 -12.23 -2.38
C ALA B 17 -4.79 -10.74 -2.63
N LEU B 18 -3.59 -10.25 -2.30
CA LEU B 18 -3.26 -8.82 -2.35
C LEU B 18 -2.21 -8.43 -3.39
N ALA B 19 -2.32 -7.21 -3.89
CA ALA B 19 -1.35 -6.66 -4.83
C ALA B 19 -1.44 -5.15 -4.75
N GLN B 20 -0.31 -4.48 -4.78
CA GLN B 20 -0.24 -3.03 -4.92
C GLN B 20 0.07 -2.79 -6.40
N VAL B 21 -0.86 -2.18 -7.11
CA VAL B 21 -0.76 -1.96 -8.53
C VAL B 21 -0.47 -0.50 -8.87
N ALA B 22 0.56 -0.29 -9.69
CA ALA B 22 0.93 1.03 -10.22
C ALA B 22 0.97 0.94 -11.75
N VAL B 23 0.13 1.75 -12.39
CA VAL B 23 0.07 1.83 -13.85
C VAL B 23 0.74 3.13 -14.32
N PHE B 24 1.78 2.97 -15.11
CA PHE B 24 2.56 4.04 -15.68
C PHE B 24 2.10 4.15 -17.13
N PRO B 25 1.34 5.21 -17.49
CA PRO B 25 0.95 5.29 -18.89
C PRO B 25 2.18 5.45 -19.80
N ALA B 26 2.04 5.08 -21.07
CA ALA B 26 3.07 5.36 -22.06
C ALA B 26 3.39 6.85 -22.04
N LEU B 27 4.67 7.19 -22.03
CA LEU B 27 5.12 8.58 -22.04
C LEU B 27 4.53 9.38 -23.19
N SER B 28 4.43 8.75 -24.35
CA SER B 28 3.97 9.38 -25.57
C SER B 28 2.48 9.70 -25.54
N GLY B 29 1.73 9.06 -24.64
CA GLY B 29 0.31 9.26 -24.53
C GLY B 29 -0.53 8.59 -25.60
N LYS B 30 0.02 7.60 -26.32
CA LYS B 30 -0.84 6.81 -27.20
C LYS B 30 -1.82 6.01 -26.32
N THR B 31 -3.12 6.30 -26.45
CA THR B 31 -4.17 5.60 -25.67
C THR B 31 -4.35 4.13 -26.12
N ASP B 32 -3.97 3.84 -27.36
CA ASP B 32 -3.81 2.47 -27.89
C ASP B 32 -2.48 1.75 -27.47
N ALA B 33 -1.73 2.34 -26.53
CA ALA B 33 -0.35 1.86 -26.24
C ALA B 33 -0.39 0.42 -25.71
N GLN B 34 0.58 -0.38 -26.14
CA GLN B 34 0.77 -1.70 -25.57
C GLN B 34 1.17 -1.53 -24.10
N THR B 35 0.74 -2.48 -23.28
CA THR B 35 0.98 -2.44 -21.84
C THR B 35 1.76 -3.68 -21.42
N LEU B 36 2.93 -3.47 -20.84
CA LEU B 36 3.70 -4.54 -20.18
C LEU B 36 3.12 -4.83 -18.79
N VAL B 37 2.87 -6.11 -18.51
CA VAL B 37 2.37 -6.52 -17.20
C VAL B 37 3.51 -7.22 -16.44
N VAL B 38 3.83 -6.68 -15.27
CA VAL B 38 4.85 -7.23 -14.37
C VAL B 38 4.28 -7.70 -13.04
N TYR B 39 4.59 -8.93 -12.64
CA TYR B 39 4.38 -9.38 -11.25
C TYR B 39 5.73 -9.40 -10.55
N SER B 40 5.86 -8.58 -9.52
CA SER B 40 7.14 -8.36 -8.83
C SER B 40 7.02 -8.24 -7.33
N SER B 41 8.06 -8.72 -6.63
CA SER B 41 8.16 -8.57 -5.20
C SER B 41 9.00 -7.33 -4.80
N LEU B 42 9.60 -6.66 -5.78
CA LEU B 42 10.37 -5.48 -5.52
C LEU B 42 9.40 -4.33 -5.16
N ASP B 43 9.54 -3.80 -3.96
CA ASP B 43 8.64 -2.76 -3.44
C ASP B 43 8.56 -1.64 -4.44
N GLU B 44 7.35 -1.25 -4.81
CA GLU B 44 7.16 -0.34 -5.94
C GLU B 44 7.95 0.99 -5.91
N PRO B 45 8.08 1.65 -4.75
CA PRO B 45 8.91 2.87 -4.73
C PRO B 45 10.35 2.67 -5.18
N LEU B 46 10.94 1.52 -4.88
CA LEU B 46 12.27 1.18 -5.40
C LEU B 46 12.28 0.77 -6.86
N ALA B 47 11.19 0.17 -7.34
CA ALA B 47 11.06 -0.21 -8.74
C ALA B 47 10.91 1.01 -9.64
N THR B 48 10.43 2.11 -9.09
CA THR B 48 10.09 3.26 -9.92
C THR B 48 11.22 3.72 -10.86
N PRO B 49 12.45 3.93 -10.37
CA PRO B 49 13.56 4.31 -11.28
C PRO B 49 13.87 3.32 -12.40
N MET B 50 13.67 2.02 -12.16
CA MET B 50 13.82 1.01 -13.19
C MET B 50 12.73 1.16 -14.23
N ILE B 51 11.52 1.45 -13.76
CA ILE B 51 10.40 1.62 -14.67
C ILE B 51 10.54 2.89 -15.50
N GLU B 52 10.94 3.98 -14.85
CA GLU B 52 11.18 5.27 -15.55
C GLU B 52 12.26 5.15 -16.60
N GLY B 53 13.35 4.45 -16.29
CA GLY B 53 14.39 4.20 -17.28
C GLY B 53 13.93 3.37 -18.48
N PHE B 54 13.15 2.32 -18.22
CA PHE B 54 12.59 1.49 -19.27
C PHE B 54 11.74 2.33 -20.19
N GLN B 55 10.84 3.12 -19.61
CA GLN B 55 9.92 3.96 -20.35
C GLN B 55 10.63 5.04 -21.14
N LYS B 56 11.68 5.64 -20.57
CA LYS B 56 12.51 6.60 -21.30
C LYS B 56 12.98 6.01 -22.62
N ALA B 57 13.42 4.76 -22.54
CA ALA B 57 13.88 3.99 -23.69
C ALA B 57 12.73 3.49 -24.63
N ASN B 58 11.50 3.55 -24.15
CA ASN B 58 10.33 2.94 -24.78
C ASN B 58 9.09 3.80 -24.52
N PRO B 59 9.02 5.01 -25.12
CA PRO B 59 7.91 5.94 -24.84
C PRO B 59 6.50 5.52 -25.31
N ASP B 60 6.35 4.41 -26.03
CA ASP B 60 5.00 3.96 -26.39
C ASP B 60 4.51 2.78 -25.59
N ILE B 61 5.26 2.39 -24.56
CA ILE B 61 4.94 1.22 -23.75
C ILE B 61 4.49 1.63 -22.34
N ALA B 62 3.26 1.24 -22.00
CA ALA B 62 2.73 1.49 -20.65
C ALA B 62 3.18 0.32 -19.77
N VAL B 63 3.38 0.57 -18.49
CA VAL B 63 3.82 -0.48 -17.59
C VAL B 63 2.79 -0.64 -16.48
N HIS B 64 2.28 -1.85 -16.38
CA HIS B 64 1.35 -2.27 -15.34
C HIS B 64 2.14 -3.12 -14.34
N TYR B 65 2.50 -2.50 -13.24
CA TYR B 65 3.39 -3.10 -12.26
C TYR B 65 2.62 -3.54 -11.03
N GLU B 66 2.61 -4.85 -10.76
CA GLU B 66 1.93 -5.40 -9.61
C GLU B 66 2.95 -5.91 -8.62
N ASP B 67 2.94 -5.27 -7.46
CA ASP B 67 3.83 -5.51 -6.34
C ASP B 67 3.08 -6.44 -5.40
N MET B 68 3.64 -7.62 -5.17
CA MET B 68 2.96 -8.64 -4.41
C MET B 68 3.96 -9.55 -3.71
N LEU B 69 3.48 -10.36 -2.75
CA LEU B 69 4.33 -11.31 -2.06
C LEU B 69 4.84 -12.35 -3.04
N THR B 70 6.06 -12.82 -2.80
CA THR B 70 6.68 -13.84 -3.64
C THR B 70 5.79 -15.08 -3.81
N GLY B 71 5.17 -15.57 -2.74
CA GLY B 71 4.28 -16.73 -2.81
C GLY B 71 3.06 -16.50 -3.68
N GLU B 72 2.59 -15.24 -3.69
CA GLU B 72 1.48 -14.85 -4.56
C GLU B 72 1.84 -14.78 -6.04
N ILE B 73 3.07 -14.37 -6.36
CA ILE B 73 3.58 -14.38 -7.74
C ILE B 73 3.50 -15.79 -8.28
N TYR B 74 4.01 -16.74 -7.49
CA TYR B 74 4.02 -18.15 -7.83
C TYR B 74 2.58 -18.66 -8.00
N ASP B 75 1.75 -18.49 -6.97
CA ASP B 75 0.38 -19.03 -7.01
C ASP B 75 -0.44 -18.50 -8.18
N ARG B 76 -0.27 -17.22 -8.46
CA ARG B 76 -1.00 -16.56 -9.52
C ARG B 76 -0.60 -16.99 -10.92
N ILE B 77 0.69 -17.05 -11.20
CA ILE B 77 1.17 -17.53 -12.49
C ILE B 77 0.72 -19.00 -12.73
N VAL B 78 0.77 -19.83 -11.71
CA VAL B 78 0.34 -21.25 -11.85
C VAL B 78 -1.18 -21.32 -12.09
N LYS B 79 -1.94 -20.66 -11.24
CA LYS B 79 -3.40 -20.59 -11.39
C LYS B 79 -3.81 -20.02 -12.77
N GLU B 80 -3.30 -18.85 -13.14
CA GLU B 80 -3.61 -18.25 -14.46
C GLU B 80 -3.21 -19.10 -15.68
N THR B 81 -2.01 -19.65 -15.66
CA THR B 81 -1.53 -20.51 -16.74
C THR B 81 -2.40 -21.77 -16.85
N ASP B 82 -2.59 -22.44 -15.71
CA ASP B 82 -3.38 -23.67 -15.59
C ASP B 82 -4.82 -23.49 -16.08
N ALA B 83 -5.38 -22.29 -15.90
CA ALA B 83 -6.75 -21.98 -16.29
C ALA B 83 -6.88 -21.68 -17.78
N GLY B 84 -5.77 -21.70 -18.52
CA GLY B 84 -5.78 -21.43 -19.93
C GLY B 84 -5.83 -19.96 -20.24
N LYS B 85 -5.52 -19.13 -19.25
CA LYS B 85 -5.56 -17.70 -19.41
C LYS B 85 -4.15 -17.16 -19.65
N LYS B 86 -4.08 -15.89 -20.03
CA LYS B 86 -2.80 -15.21 -20.09
C LYS B 86 -2.32 -14.80 -18.69
N THR B 87 -1.02 -14.59 -18.56
CA THR B 87 -0.48 -14.14 -17.30
C THR B 87 0.48 -12.98 -17.54
N ALA B 88 1.27 -12.66 -16.50
CA ALA B 88 2.28 -11.60 -16.56
C ALA B 88 3.27 -11.81 -17.71
N ASP B 89 3.80 -10.73 -18.23
CA ASP B 89 4.83 -10.76 -19.26
C ASP B 89 6.23 -10.96 -18.64
N PHE B 90 6.36 -10.58 -17.37
CA PHE B 90 7.64 -10.68 -16.61
C PHE B 90 7.37 -10.94 -15.14
N ALA B 91 8.04 -11.93 -14.58
CA ALA B 91 7.95 -12.28 -13.15
C ALA B 91 9.33 -12.04 -12.52
N PHE B 92 9.35 -11.25 -11.46
CA PHE B 92 10.59 -10.83 -10.79
C PHE B 92 10.43 -11.05 -9.30
N SER B 93 11.16 -12.02 -8.77
CA SER B 93 10.94 -12.47 -7.41
C SER B 93 12.22 -12.84 -6.67
N SER B 94 12.24 -12.54 -5.37
CA SER B 94 13.32 -12.93 -4.48
C SER B 94 13.21 -14.36 -3.96
N ALA B 95 12.08 -15.02 -4.17
CA ALA B 95 11.90 -16.43 -3.80
C ALA B 95 12.50 -17.27 -4.89
N MET B 96 13.83 -17.40 -4.86
CA MET B 96 14.60 -17.98 -5.98
C MET B 96 14.08 -19.38 -6.28
N ASP B 97 13.80 -20.10 -5.21
CA ASP B 97 13.30 -21.47 -5.30
C ASP B 97 11.98 -21.58 -6.04
N LEU B 98 11.05 -20.67 -5.78
CA LEU B 98 9.77 -20.65 -6.46
C LEU B 98 9.89 -20.27 -7.95
N GLN B 99 10.86 -19.42 -8.28
CA GLN B 99 11.12 -19.02 -9.66
C GLN B 99 11.76 -20.17 -10.43
N VAL B 100 12.69 -20.86 -9.80
CA VAL B 100 13.26 -22.04 -10.46
C VAL B 100 12.25 -23.19 -10.60
N LYS B 101 11.39 -23.37 -9.59
CA LYS B 101 10.26 -24.30 -9.72
C LYS B 101 9.33 -23.99 -10.90
N LEU B 102 8.86 -22.74 -11.05
CA LEU B 102 8.11 -22.36 -12.26
C LEU B 102 8.82 -22.76 -13.55
N SER B 103 10.10 -22.43 -13.61
CA SER B 103 10.91 -22.66 -14.79
C SER B 103 11.02 -24.17 -15.02
N ASN B 104 11.16 -24.94 -13.95
CA ASN B 104 11.33 -26.40 -14.07
C ASN B 104 10.04 -27.12 -14.48
N ASP B 105 8.89 -26.56 -14.12
CA ASP B 105 7.59 -27.16 -14.41
C ASP B 105 6.89 -26.64 -15.66
N GLY B 106 7.56 -25.77 -16.41
CA GLY B 106 7.07 -25.35 -17.72
C GLY B 106 6.25 -24.08 -17.74
N TYR B 107 6.26 -23.36 -16.62
CA TYR B 107 5.53 -22.11 -16.49
C TYR B 107 6.33 -20.92 -17.01
N ALA B 108 7.62 -21.14 -17.32
CA ALA B 108 8.45 -20.13 -17.97
C ALA B 108 8.73 -20.48 -19.43
N GLN B 109 9.21 -19.50 -20.19
CA GLN B 109 9.72 -19.76 -21.52
C GLN B 109 11.13 -19.21 -21.66
N ARG B 110 11.91 -19.82 -22.55
CA ARG B 110 13.29 -19.41 -22.78
C ARG B 110 13.35 -18.00 -23.35
N SER B 111 14.31 -17.21 -22.86
CA SER B 111 14.54 -15.85 -23.32
C SER B 111 15.95 -15.77 -23.91
N ASP B 112 16.06 -16.03 -25.22
CA ASP B 112 17.36 -16.03 -25.86
C ASP B 112 17.64 -14.65 -26.34
N LEU B 113 18.32 -13.88 -25.50
CA LEU B 113 18.58 -12.50 -25.78
C LEU B 113 19.96 -12.38 -26.42
N ALA B 114 20.07 -11.45 -27.37
CA ALA B 114 21.33 -11.10 -28.03
C ALA B 114 22.56 -11.25 -27.11
N MET B 115 22.41 -10.90 -25.82
CA MET B 115 23.52 -11.01 -24.83
C MET B 115 23.30 -11.90 -23.56
N SER B 116 22.45 -12.93 -23.66
CA SER B 116 22.34 -13.97 -22.63
C SER B 116 23.65 -14.77 -22.39
N ALA B 117 24.45 -14.91 -23.44
CA ALA B 117 25.68 -15.72 -23.37
C ALA B 117 26.72 -15.08 -22.46
N ARG B 118 26.71 -13.76 -22.37
CA ARG B 118 27.69 -13.05 -21.55
C ARG B 118 27.31 -13.05 -20.06
N TRP B 119 26.05 -13.35 -19.72
CA TRP B 119 25.60 -13.27 -18.31
C TRP B 119 26.39 -14.26 -17.45
N PRO B 120 26.81 -13.86 -16.23
CA PRO B 120 27.57 -14.82 -15.42
C PRO B 120 26.90 -16.19 -15.33
N ALA B 121 27.68 -17.27 -15.41
CA ALA B 121 27.14 -18.62 -15.53
C ALA B 121 26.30 -19.09 -14.33
N TRP B 122 26.73 -18.76 -13.12
CA TRP B 122 25.98 -19.09 -11.90
C TRP B 122 24.57 -18.47 -11.93
N ALA B 123 24.41 -17.38 -12.70
CA ALA B 123 23.22 -16.55 -12.68
C ALA B 123 22.25 -16.82 -13.82
N ASN B 124 22.48 -17.90 -14.56
CA ASN B 124 21.68 -18.23 -15.72
C ASN B 124 21.30 -19.71 -15.70
N TRP B 125 20.01 -20.01 -15.53
CA TRP B 125 19.51 -21.33 -15.77
C TRP B 125 18.80 -21.37 -17.12
N ARG B 126 19.43 -22.06 -18.08
CA ARG B 126 18.81 -22.45 -19.33
C ARG B 126 18.25 -21.29 -20.16
N ASN B 127 18.90 -20.14 -20.05
CA ASN B 127 18.46 -18.89 -20.71
C ASN B 127 17.00 -18.56 -20.34
N THR B 128 16.56 -19.05 -19.18
CA THR B 128 15.15 -18.98 -18.79
C THR B 128 14.96 -18.18 -17.51
N ALA B 129 15.65 -18.59 -16.46
CA ALA B 129 15.63 -17.90 -15.17
C ALA B 129 16.97 -17.21 -14.96
N TYR B 130 16.95 -15.88 -14.80
CA TYR B 130 18.17 -15.08 -14.60
C TYR B 130 18.23 -14.41 -13.23
N ALA B 131 19.34 -14.59 -12.54
CA ALA B 131 19.61 -13.87 -11.31
C ALA B 131 20.12 -12.48 -11.66
N LEU B 132 19.46 -11.45 -11.14
CA LEU B 132 19.71 -10.07 -11.60
C LEU B 132 20.29 -9.16 -10.51
N THR B 133 20.26 -9.62 -9.26
CA THR B 133 20.77 -8.85 -8.13
C THR B 133 21.56 -9.75 -7.16
N PHE B 134 22.18 -9.11 -6.18
CA PHE B 134 23.01 -9.78 -5.20
C PHE B 134 22.77 -9.08 -3.82
N GLU B 135 21.81 -9.59 -3.06
CA GLU B 135 21.33 -8.93 -1.86
C GLU B 135 21.50 -9.79 -0.59
N PRO B 136 22.17 -9.22 0.44
CA PRO B 136 22.38 -9.93 1.69
C PRO B 136 21.19 -9.88 2.64
N ALA B 137 21.08 -10.94 3.44
CA ALA B 137 20.20 -11.00 4.61
C ALA B 137 20.95 -10.51 5.83
N VAL B 138 20.48 -9.43 6.41
CA VAL B 138 21.24 -8.70 7.44
C VAL B 138 20.50 -8.62 8.77
N PHE B 139 21.27 -8.25 9.79
CA PHE B 139 20.69 -7.81 11.04
C PHE B 139 20.42 -6.33 10.90
N VAL B 140 19.35 -5.88 11.52
CA VAL B 140 19.12 -4.44 11.65
C VAL B 140 18.88 -4.17 13.12
N TYR B 141 19.20 -2.94 13.54
CA TYR B 141 19.05 -2.54 14.93
C TYR B 141 18.65 -1.08 15.08
N HIS B 142 18.03 -0.79 16.21
CA HIS B 142 17.65 0.57 16.55
C HIS B 142 18.83 1.24 17.21
N LYS B 143 19.50 2.13 16.50
CA LYS B 143 20.75 2.73 16.99
C LYS B 143 20.64 3.27 18.44
N PRO B 144 19.61 4.08 18.75
CA PRO B 144 19.49 4.57 20.13
C PRO B 144 19.34 3.53 21.24
N SER B 145 18.98 2.31 20.90
CA SER B 145 18.85 1.25 21.88
C SER B 145 20.20 0.58 22.19
N PHE B 146 21.24 0.97 21.45
CA PHE B 146 22.54 0.34 21.58
C PHE B 146 23.55 1.44 21.91
N THR B 147 23.29 2.11 23.02
CA THR B 147 24.09 3.27 23.41
C THR B 147 25.36 2.85 24.12
N THR B 148 25.29 1.83 24.97
CA THR B 148 26.46 1.43 25.77
C THR B 148 27.05 0.06 25.38
N GLU B 149 26.51 -0.55 24.34
CA GLU B 149 27.13 -1.73 23.72
C GLU B 149 26.78 -1.82 22.25
N LYS B 150 27.69 -2.40 21.50
CA LYS B 150 27.51 -2.58 20.07
C LYS B 150 26.42 -3.62 19.83
N PRO B 151 25.69 -3.52 18.71
CA PRO B 151 24.77 -4.63 18.42
C PRO B 151 25.52 -5.95 18.12
N PRO B 152 24.80 -7.08 18.22
CA PRO B 152 25.39 -8.37 17.94
C PRO B 152 25.82 -8.46 16.47
N ALA B 153 26.90 -9.17 16.21
CA ALA B 153 27.48 -9.25 14.86
C ALA B 153 27.56 -10.68 14.33
N THR B 154 27.08 -11.63 15.15
CA THR B 154 27.02 -13.02 14.80
C THR B 154 25.78 -13.58 15.46
N ARG B 155 25.40 -14.77 15.06
CA ARG B 155 24.24 -15.42 15.63
C ARG B 155 24.43 -15.79 17.10
N ALA B 156 25.65 -16.18 17.46
CA ALA B 156 25.95 -16.48 18.85
C ALA B 156 25.80 -15.21 19.73
N GLU B 157 26.30 -14.08 19.23
CA GLU B 157 26.15 -12.81 19.92
C GLU B 157 24.71 -12.35 20.02
N PHE B 158 23.93 -12.63 18.96
CA PHE B 158 22.50 -12.29 18.94
C PHE B 158 21.77 -13.02 20.07
N VAL B 159 21.97 -14.33 20.15
CA VAL B 159 21.35 -15.15 21.18
C VAL B 159 21.77 -14.72 22.59
N ASP B 160 23.08 -14.49 22.78
CA ASP B 160 23.60 -13.99 24.06
C ASP B 160 22.98 -12.65 24.46
N TYR B 161 22.79 -11.74 23.50
CA TYR B 161 22.13 -10.48 23.75
C TYR B 161 20.69 -10.66 24.23
N LEU B 162 19.94 -11.51 23.54
CA LEU B 162 18.56 -11.80 23.91
C LEU B 162 18.44 -12.35 25.33
N GLU B 163 19.40 -13.20 25.70
CA GLU B 163 19.42 -13.83 27.04
C GLU B 163 19.81 -12.83 28.13
N ARG B 164 20.88 -12.06 27.90
CA ARG B 164 21.30 -11.00 28.83
C ARG B 164 20.26 -9.91 29.03
N HIS B 165 19.47 -9.60 28.00
CA HIS B 165 18.48 -8.52 28.06
C HIS B 165 17.02 -9.01 27.96
N ALA B 166 16.77 -10.21 28.48
CA ALA B 166 15.54 -10.95 28.23
C ALA B 166 14.28 -10.18 28.50
N LYS B 167 14.22 -9.51 29.64
CA LYS B 167 13.03 -8.79 30.06
C LYS B 167 12.72 -7.59 29.16
N GLU B 168 13.77 -6.87 28.81
CA GLU B 168 13.63 -5.65 28.03
C GLU B 168 13.46 -5.86 26.52
N VAL B 169 14.02 -6.94 25.96
CA VAL B 169 13.86 -7.22 24.52
C VAL B 169 12.63 -8.05 24.23
N HIS B 170 11.97 -8.58 25.27
CA HIS B 170 10.82 -9.44 25.07
C HIS B 170 9.78 -8.75 24.20
N GLY B 171 9.41 -9.40 23.09
CA GLY B 171 8.45 -8.84 22.16
C GLY B 171 8.93 -7.68 21.31
N ARG B 172 10.23 -7.41 21.30
CA ARG B 172 10.75 -6.24 20.58
C ARG B 172 11.84 -6.64 19.58
N ILE B 173 11.77 -7.88 19.11
CA ILE B 173 12.60 -8.34 18.01
C ILE B 173 11.67 -8.95 16.95
N ALA B 174 12.11 -8.92 15.70
CA ALA B 174 11.28 -9.35 14.57
C ALA B 174 12.09 -10.10 13.52
N THR B 175 11.39 -10.93 12.76
CA THR B 175 11.95 -11.57 11.59
C THR B 175 10.84 -11.95 10.64
N TYR B 176 11.22 -12.43 9.46
CA TYR B 176 10.23 -12.88 8.51
C TYR B 176 9.40 -14.08 9.01
N ASP B 177 8.11 -14.01 8.73
CA ASP B 177 7.23 -15.16 8.84
C ASP B 177 7.46 -16.01 7.61
N ILE B 178 8.16 -17.12 7.80
CA ILE B 178 8.59 -17.94 6.65
C ILE B 178 7.40 -18.68 6.01
N GLU B 179 6.26 -18.73 6.70
CA GLU B 179 5.03 -19.28 6.11
C GLU B 179 4.41 -18.34 5.10
N ARG B 180 4.58 -17.04 5.31
CA ARG B 180 3.95 -16.02 4.50
C ARG B 180 4.89 -15.31 3.54
N SER B 181 6.20 -15.49 3.74
CA SER B 181 7.22 -14.89 2.91
C SER B 181 8.12 -15.94 2.29
N GLY B 182 8.08 -16.03 0.96
CA GLY B 182 8.92 -16.94 0.24
C GLY B 182 10.40 -16.61 0.40
N VAL B 183 10.78 -15.33 0.41
CA VAL B 183 12.19 -14.99 0.67
C VAL B 183 12.61 -15.33 2.10
N GLY B 184 11.72 -15.14 3.06
CA GLY B 184 11.97 -15.59 4.45
C GLY B 184 12.23 -17.08 4.54
N PHE B 185 11.37 -17.86 3.88
CA PHE B 185 11.62 -19.30 3.77
C PHE B 185 13.00 -19.59 3.17
N LEU B 186 13.32 -18.95 2.06
CA LEU B 186 14.58 -19.17 1.37
C LEU B 186 15.71 -18.93 2.32
N PHE B 187 15.67 -17.80 3.04
CA PHE B 187 16.74 -17.47 3.96
C PHE B 187 16.87 -18.53 5.06
N MET B 188 15.75 -18.98 5.62
CA MET B 188 15.79 -19.99 6.68
C MET B 188 16.35 -21.29 6.15
N SER B 189 15.97 -21.66 4.92
CA SER B 189 16.45 -22.91 4.33
C SER B 189 17.98 -22.86 4.15
N ARG B 190 18.49 -21.70 3.73
CA ARG B 190 19.93 -21.48 3.61
C ARG B 190 20.61 -21.45 4.95
N ASP B 191 19.98 -20.83 5.96
CA ASP B 191 20.54 -20.84 7.34
C ASP B 191 20.81 -22.27 7.79
N GLN B 192 19.82 -23.14 7.60
CA GLN B 192 19.89 -24.52 8.06
C GLN B 192 21.03 -25.29 7.41
N GLU B 193 21.32 -24.96 6.14
CA GLU B 193 22.44 -25.56 5.41
C GLU B 193 23.82 -25.12 5.91
N GLN B 194 23.93 -23.89 6.41
CA GLN B 194 25.19 -23.32 6.89
C GLN B 194 25.46 -23.74 8.31
N PHE B 195 24.37 -23.81 9.06
CA PHE B 195 24.36 -23.60 10.50
C PHE B 195 23.47 -24.67 11.13
N GLY B 196 24.08 -25.74 11.62
CA GLY B 196 23.33 -26.82 12.28
C GLY B 196 22.68 -26.38 13.59
N ASP B 197 23.26 -25.39 14.25
CA ASP B 197 22.65 -24.84 15.44
C ASP B 197 21.74 -23.63 15.15
N ILE B 198 21.21 -23.53 13.94
CA ILE B 198 20.24 -22.48 13.65
C ILE B 198 19.04 -22.62 14.57
N TRP B 199 18.75 -23.83 15.00
CA TRP B 199 17.60 -24.09 15.85
C TRP B 199 17.74 -23.49 17.25
N SER B 200 18.98 -23.39 17.73
CA SER B 200 19.28 -22.60 18.92
C SER B 200 18.87 -21.14 18.75
N VAL B 201 19.13 -20.58 17.57
CA VAL B 201 18.76 -19.20 17.29
C VAL B 201 17.25 -19.03 17.24
N ILE B 202 16.56 -19.91 16.51
CA ILE B 202 15.11 -19.81 16.38
C ILE B 202 14.43 -19.96 17.74
N LYS B 203 14.92 -20.92 18.55
CA LYS B 203 14.38 -21.15 19.90
C LYS B 203 14.54 -19.94 20.82
N ALA B 204 15.73 -19.35 20.80
CA ALA B 204 16.00 -18.12 21.56
C ALA B 204 15.12 -16.97 21.11
N MET B 205 14.87 -16.88 19.80
CA MET B 205 13.99 -15.82 19.29
C MET B 205 12.56 -16.05 19.78
N GLY B 206 12.13 -17.31 19.76
CA GLY B 206 10.81 -17.68 20.33
C GLY B 206 10.73 -17.39 21.83
N ALA B 207 11.82 -17.67 22.54
CA ALA B 207 11.87 -17.38 23.98
C ALA B 207 11.82 -15.87 24.24
N ALA B 208 12.30 -15.10 23.28
CA ALA B 208 12.27 -13.63 23.38
C ALA B 208 11.01 -12.99 22.79
N GLY B 209 10.00 -13.80 22.45
CA GLY B 209 8.74 -13.29 21.95
C GLY B 209 8.83 -12.66 20.56
N VAL B 210 9.62 -13.24 19.68
CA VAL B 210 9.81 -12.67 18.31
C VAL B 210 8.48 -12.46 17.57
N LYS B 211 8.33 -11.28 16.98
CA LYS B 211 7.22 -10.97 16.10
C LYS B 211 7.60 -11.28 14.65
N VAL B 212 6.71 -11.92 13.91
CA VAL B 212 7.01 -12.29 12.51
C VAL B 212 6.11 -11.58 11.49
N TYR B 213 6.70 -11.19 10.37
CA TYR B 213 6.08 -10.34 9.39
C TYR B 213 6.36 -10.89 8.01
N SER B 214 5.52 -10.53 7.06
CA SER B 214 5.65 -11.03 5.70
C SER B 214 6.60 -10.18 4.88
N THR B 215 6.95 -8.97 5.37
CA THR B 215 7.77 -8.01 4.62
C THR B 215 8.88 -7.37 5.46
N SER B 216 9.98 -7.07 4.79
CA SER B 216 11.11 -6.37 5.35
C SER B 216 10.67 -4.97 5.74
N SER B 217 9.88 -4.31 4.90
CA SER B 217 9.46 -2.91 5.22
C SER B 217 8.69 -2.81 6.53
N ALA B 218 7.84 -3.78 6.86
CA ALA B 218 7.06 -3.75 8.09
C ALA B 218 7.98 -3.78 9.31
N ILE B 219 9.03 -4.61 9.23
CA ILE B 219 10.02 -4.75 10.30
C ILE B 219 10.84 -3.46 10.38
N LEU B 220 11.30 -2.95 9.23
CA LEU B 220 12.11 -1.75 9.16
C LEU B 220 11.40 -0.54 9.77
N GLU B 221 10.10 -0.38 9.50
CA GLU B 221 9.27 0.68 10.12
C GLU B 221 9.35 0.66 11.65
N ARG B 222 9.22 -0.53 12.22
CA ARG B 222 9.16 -0.74 13.65
C ARG B 222 10.52 -0.70 14.37
N VAL B 223 11.57 -1.17 13.72
CA VAL B 223 12.95 -0.95 14.21
C VAL B 223 13.27 0.56 14.13
N SER B 224 12.84 1.20 13.05
CA SER B 224 13.21 2.58 12.79
C SER B 224 12.85 3.54 13.92
N ASP B 225 11.71 3.31 14.57
CA ASP B 225 11.21 4.21 15.62
C ASP B 225 11.28 3.55 16.99
N GLY B 226 11.99 2.43 17.05
CA GLY B 226 12.36 1.85 18.28
C GLY B 226 11.32 0.97 18.91
N ARG B 227 10.23 0.68 18.20
CA ARG B 227 9.30 -0.34 18.66
C ARG B 227 10.00 -1.69 18.77
N PHE B 228 10.86 -1.97 17.80
CA PHE B 228 11.77 -3.11 17.86
C PHE B 228 13.22 -2.64 17.98
N VAL B 229 14.02 -3.39 18.71
CA VAL B 229 15.45 -3.10 18.84
C VAL B 229 16.31 -3.86 17.84
N LEU B 230 15.83 -5.02 17.38
CA LEU B 230 16.57 -5.86 16.43
C LEU B 230 15.64 -6.56 15.46
N GLY B 231 16.12 -6.70 14.21
CA GLY B 231 15.52 -7.57 13.19
C GLY B 231 16.57 -8.55 12.62
N TYR B 232 16.10 -9.75 12.28
CA TYR B 232 16.95 -10.83 11.79
C TYR B 232 16.55 -11.23 10.38
N ASN B 233 17.54 -11.36 9.50
CA ASN B 233 17.29 -11.78 8.07
C ASN B 233 16.47 -10.79 7.27
N ILE B 234 16.78 -9.52 7.43
CA ILE B 234 16.15 -8.44 6.71
C ILE B 234 16.90 -8.20 5.40
N LEU B 235 16.18 -7.81 4.34
CA LEU B 235 16.84 -7.45 3.09
C LEU B 235 17.76 -6.23 3.28
N GLY B 236 19.05 -6.44 3.07
CA GLY B 236 20.09 -5.41 3.26
C GLY B 236 19.95 -4.24 2.32
N SER B 237 19.42 -4.48 1.12
CA SER B 237 19.12 -3.40 0.16
C SER B 237 18.01 -2.49 0.70
N TYR B 238 16.90 -3.09 1.12
CA TYR B 238 15.82 -2.32 1.73
C TYR B 238 16.29 -1.61 3.01
N ALA B 239 17.09 -2.28 3.83
CA ALA B 239 17.65 -1.67 5.04
C ALA B 239 18.49 -0.42 4.74
N ALA B 240 19.33 -0.52 3.71
CA ALA B 240 20.19 0.59 3.28
C ALA B 240 19.37 1.78 2.77
N ASP B 241 18.35 1.49 1.98
CA ASP B 241 17.45 2.53 1.48
C ASP B 241 16.70 3.21 2.62
N TRP B 242 16.19 2.42 3.54
CA TRP B 242 15.54 2.92 4.74
C TRP B 242 16.49 3.81 5.57
N ALA B 243 17.68 3.29 5.87
CA ALA B 243 18.68 4.01 6.66
C ALA B 243 19.17 5.30 5.98
N SER B 244 19.10 5.36 4.66
CA SER B 244 19.45 6.56 3.91
C SER B 244 18.56 7.74 4.27
N ARG B 245 17.37 7.47 4.80
CA ARG B 245 16.42 8.52 5.18
C ARG B 245 15.98 8.48 6.64
N HIS B 246 16.33 7.43 7.36
CA HIS B 246 16.01 7.31 8.79
C HIS B 246 17.27 6.91 9.56
N PRO B 247 17.92 7.88 10.22
CA PRO B 247 19.26 7.67 10.74
C PRO B 247 19.33 6.66 11.89
N ASP B 248 18.22 6.38 12.54
CA ASP B 248 18.22 5.43 13.65
C ASP B 248 18.21 3.95 13.26
N VAL B 249 18.10 3.64 11.97
CA VAL B 249 18.21 2.26 11.49
C VAL B 249 19.66 1.92 11.21
N GLY B 250 20.20 0.97 11.98
CA GLY B 250 21.55 0.45 11.76
C GLY B 250 21.49 -0.94 11.14
N ILE B 251 22.58 -1.33 10.50
CA ILE B 251 22.67 -2.57 9.73
C ILE B 251 23.96 -3.26 10.11
N VAL B 252 23.91 -4.58 10.23
CA VAL B 252 25.11 -5.37 10.37
C VAL B 252 25.02 -6.59 9.46
N LEU B 253 26.09 -6.80 8.67
CA LEU B 253 26.24 -8.01 7.89
C LEU B 253 26.86 -9.01 8.85
N PRO B 254 26.12 -10.09 9.19
CA PRO B 254 26.61 -11.03 10.17
C PRO B 254 27.99 -11.59 9.81
N LYS B 255 28.90 -11.58 10.78
CA LYS B 255 30.30 -11.90 10.53
C LYS B 255 30.54 -13.41 10.46
N ASP B 256 29.69 -14.20 11.12
CA ASP B 256 29.78 -15.67 11.07
C ASP B 256 29.43 -16.22 9.68
N TYR B 257 28.33 -15.74 9.09
CA TYR B 257 28.06 -15.92 7.66
C TYR B 257 26.91 -14.98 7.28
N THR B 258 26.90 -14.58 6.01
CA THR B 258 25.86 -13.73 5.45
C THR B 258 25.27 -14.43 4.25
N VAL B 259 24.01 -14.83 4.37
CA VAL B 259 23.32 -15.38 3.25
C VAL B 259 23.04 -14.30 2.21
N VAL B 260 23.18 -14.67 0.93
CA VAL B 260 22.95 -13.75 -0.18
C VAL B 260 21.97 -14.38 -1.18
N MET B 261 20.94 -13.61 -1.54
CA MET B 261 19.99 -14.03 -2.54
C MET B 261 20.14 -13.17 -3.75
N SER B 262 19.49 -13.62 -4.81
CA SER B 262 19.45 -12.91 -6.06
C SER B 262 18.03 -12.93 -6.58
N ARG B 263 17.45 -11.77 -6.86
CA ARG B 263 16.16 -11.71 -7.56
C ARG B 263 16.26 -12.33 -8.95
N ILE B 264 15.31 -13.20 -9.26
CA ILE B 264 15.31 -14.00 -10.46
C ILE B 264 14.19 -13.45 -11.31
N GLY B 265 14.55 -13.10 -12.54
CA GLY B 265 13.60 -12.72 -13.58
C GLY B 265 13.36 -13.83 -14.60
N LEU B 266 12.11 -13.94 -15.04
CA LEU B 266 11.73 -14.84 -16.13
C LEU B 266 10.47 -14.31 -16.85
N VAL B 267 10.27 -14.80 -18.08
CA VAL B 267 9.10 -14.51 -18.91
C VAL B 267 8.21 -15.72 -18.84
N PRO B 268 7.02 -15.58 -18.25
CA PRO B 268 6.10 -16.70 -18.17
C PRO B 268 5.71 -17.25 -19.56
N GLU B 269 5.54 -18.56 -19.60
CA GLU B 269 5.06 -19.27 -20.79
C GLU B 269 3.78 -18.64 -21.33
N ALA B 270 2.88 -18.21 -20.45
CA ALA B 270 1.54 -17.69 -20.84
C ALA B 270 1.45 -16.17 -20.93
N ALA B 271 2.60 -15.51 -21.01
CA ALA B 271 2.68 -14.06 -21.17
C ALA B 271 1.81 -13.67 -22.36
N ALA B 272 1.06 -12.57 -22.23
CA ALA B 272 0.30 -12.04 -23.38
C ALA B 272 1.23 -11.33 -24.35
N ASN B 273 2.29 -10.74 -23.81
CA ASN B 273 3.19 -9.86 -24.54
C ASN B 273 4.62 -10.33 -24.23
N PRO B 274 4.99 -11.54 -24.68
CA PRO B 274 6.30 -12.07 -24.30
C PRO B 274 7.46 -11.23 -24.83
N GLU B 275 7.25 -10.58 -25.97
CA GLU B 275 8.27 -9.71 -26.54
C GLU B 275 8.56 -8.51 -25.64
N LEU B 276 7.53 -7.91 -25.08
CA LEU B 276 7.71 -6.81 -24.13
C LEU B 276 8.38 -7.28 -22.86
N GLY B 277 8.02 -8.47 -22.39
CA GLY B 277 8.64 -9.08 -21.23
C GLY B 277 10.12 -9.33 -21.44
N ARG B 278 10.49 -9.90 -22.58
CA ARG B 278 11.89 -10.00 -22.95
C ARG B 278 12.57 -8.65 -23.01
N ARG B 279 11.90 -7.67 -23.59
CA ARG B 279 12.47 -6.35 -23.70
C ARG B 279 12.78 -5.73 -22.31
N TYR B 280 11.89 -5.95 -21.35
CA TYR B 280 12.04 -5.50 -19.99
C TYR B 280 13.15 -6.29 -19.24
N LEU B 281 13.15 -7.61 -19.41
CA LEU B 281 14.27 -8.44 -18.92
C LEU B 281 15.64 -7.99 -19.43
N GLU B 282 15.69 -7.67 -20.72
CA GLU B 282 16.91 -7.17 -21.35
C GLU B 282 17.31 -5.81 -20.75
N PHE B 283 16.35 -4.93 -20.53
CA PHE B 283 16.66 -3.68 -19.85
C PHE B 283 17.22 -3.93 -18.43
N PHE B 284 16.57 -4.80 -17.68
CA PHE B 284 17.05 -5.16 -16.35
C PHE B 284 18.48 -5.74 -16.33
N MET B 285 18.89 -6.37 -17.42
CA MET B 285 20.20 -7.00 -17.53
C MET B 285 21.24 -6.03 -18.12
N SER B 286 20.77 -4.93 -18.71
CA SER B 286 21.61 -3.92 -19.37
C SER B 286 22.49 -3.12 -18.41
N LYS B 287 23.55 -2.53 -18.95
CA LYS B 287 24.42 -1.66 -18.16
C LYS B 287 23.62 -0.56 -17.50
N GLU B 288 22.76 0.13 -18.27
CA GLU B 288 21.91 1.20 -17.72
C GLU B 288 21.02 0.69 -16.60
N GLY B 289 20.31 -0.41 -16.86
CA GLY B 289 19.39 -0.96 -15.84
C GLY B 289 20.12 -1.35 -14.57
N GLN B 290 21.17 -2.14 -14.72
CA GLN B 290 21.98 -2.60 -13.58
C GLN B 290 22.67 -1.46 -12.84
N THR B 291 23.03 -0.40 -13.56
CA THR B 291 23.59 0.80 -12.94
C THR B 291 22.56 1.52 -12.05
N ILE B 292 21.35 1.65 -12.55
CA ILE B 292 20.27 2.23 -11.75
C ILE B 292 20.08 1.47 -10.46
N MET B 293 20.01 0.14 -10.52
CA MET B 293 19.95 -0.73 -9.32
C MET B 293 21.05 -0.43 -8.29
N ALA B 294 22.30 -0.49 -8.73
CA ALA B 294 23.49 -0.33 -7.88
C ALA B 294 23.58 1.08 -7.30
N ARG B 295 23.33 2.07 -8.13
CA ARG B 295 23.52 3.47 -7.76
C ARG B 295 22.33 4.09 -7.04
N GLN B 296 21.12 3.76 -7.45
CA GLN B 296 19.93 4.40 -6.90
C GLN B 296 19.12 3.51 -5.95
N LEU B 297 19.14 2.20 -6.15
CA LEU B 297 18.25 1.33 -5.36
C LEU B 297 18.95 0.67 -4.19
N GLN B 298 20.26 0.89 -4.05
CA GLN B 298 21.09 0.16 -3.08
C GLN B 298 21.02 -1.36 -3.26
N ILE B 299 20.77 -1.80 -4.51
CA ILE B 299 20.67 -3.22 -4.82
C ILE B 299 21.92 -3.59 -5.64
N PRO B 300 22.86 -4.35 -5.05
CA PRO B 300 24.07 -4.71 -5.80
C PRO B 300 23.83 -5.43 -7.15
N ALA B 301 24.57 -4.97 -8.17
CA ALA B 301 24.47 -5.45 -9.55
C ALA B 301 25.22 -6.77 -9.75
N VAL B 302 24.67 -7.58 -10.66
CA VAL B 302 25.31 -8.82 -11.13
C VAL B 302 26.04 -8.61 -12.47
N SER B 303 25.68 -7.58 -13.22
CA SER B 303 26.27 -7.38 -14.53
C SER B 303 27.76 -7.12 -14.40
N PRO B 304 28.57 -7.87 -15.18
CA PRO B 304 30.01 -7.58 -15.20
C PRO B 304 30.31 -6.17 -15.78
N GLU B 305 29.36 -5.60 -16.54
CA GLU B 305 29.51 -4.24 -17.10
C GLU B 305 29.50 -3.12 -16.07
N VAL B 306 29.07 -3.42 -14.84
CA VAL B 306 28.91 -2.40 -13.81
C VAL B 306 30.02 -2.62 -12.77
N ALA B 307 30.70 -1.53 -12.43
CA ALA B 307 31.80 -1.53 -11.45
C ALA B 307 31.46 -0.53 -10.37
N GLY B 308 32.05 -0.72 -9.19
CA GLY B 308 31.77 0.13 -8.03
C GLY B 308 31.58 -0.79 -6.84
N GLU B 309 31.20 -0.19 -5.70
CA GLU B 309 31.05 -0.94 -4.45
C GLU B 309 29.81 -1.84 -4.45
N ASN B 310 28.68 -1.33 -4.96
CA ASN B 310 27.42 -2.10 -4.98
C ASN B 310 27.35 -3.08 -6.15
N THR B 311 28.27 -4.04 -6.14
CA THR B 311 28.29 -5.09 -7.15
C THR B 311 28.64 -6.42 -6.48
N ALA B 312 28.18 -7.51 -7.08
CA ALA B 312 28.52 -8.87 -6.63
C ALA B 312 30.03 -9.03 -6.60
N ASN B 313 30.70 -8.57 -7.66
CA ASN B 313 32.15 -8.69 -7.78
C ASN B 313 32.88 -8.05 -6.58
N THR B 314 32.48 -6.84 -6.22
CA THR B 314 33.17 -6.11 -5.15
C THR B 314 32.83 -6.74 -3.81
N MET B 315 31.55 -6.99 -3.57
CA MET B 315 31.11 -7.62 -2.34
C MET B 315 31.88 -8.92 -2.09
N GLN B 316 32.06 -9.73 -3.13
CA GLN B 316 32.75 -11.01 -2.99
C GLN B 316 34.25 -10.82 -2.75
N ALA B 317 34.82 -9.81 -3.41
CA ALA B 317 36.25 -9.45 -3.26
C ALA B 317 36.50 -9.05 -1.81
N ILE B 318 35.63 -8.18 -1.29
CA ILE B 318 35.78 -7.62 0.06
C ILE B 318 35.43 -8.63 1.17
N HIS B 319 34.33 -9.36 1.00
CA HIS B 319 33.81 -10.21 2.09
C HIS B 319 34.21 -11.67 1.99
N GLY B 320 34.55 -12.14 0.79
CA GLY B 320 35.05 -13.50 0.66
C GLY B 320 34.10 -14.58 1.17
N ALA B 321 34.65 -15.48 1.99
CA ALA B 321 33.94 -16.69 2.43
C ALA B 321 32.83 -16.43 3.45
N GLN B 322 32.77 -15.21 3.97
CA GLN B 322 31.66 -14.80 4.84
C GLN B 322 30.31 -14.87 4.10
N LEU B 323 30.33 -14.56 2.81
CA LEU B 323 29.10 -14.59 1.99
C LEU B 323 28.72 -16.00 1.56
N ARG B 324 27.42 -16.26 1.52
CA ARG B 324 26.90 -17.57 1.18
C ARG B 324 25.78 -17.42 0.12
N PRO B 325 26.17 -17.16 -1.14
CA PRO B 325 25.23 -16.98 -2.23
C PRO B 325 24.57 -18.28 -2.67
N VAL B 326 23.44 -18.15 -3.37
CA VAL B 326 22.68 -19.26 -3.89
C VAL B 326 22.89 -19.25 -5.43
N PRO B 327 23.39 -20.37 -6.00
CA PRO B 327 23.49 -20.47 -7.47
C PRO B 327 22.13 -20.88 -8.09
N VAL B 328 21.89 -20.37 -9.30
CA VAL B 328 20.68 -20.68 -10.12
C VAL B 328 20.99 -21.83 -11.11
N SER B 329 22.20 -21.80 -11.69
CA SER B 329 22.55 -22.69 -12.82
C SER B 329 22.35 -24.21 -12.58
N PRO B 330 22.53 -24.70 -11.33
CA PRO B 330 22.22 -26.13 -11.11
C PRO B 330 20.71 -26.43 -11.13
N GLY B 331 19.89 -25.39 -10.95
CA GLY B 331 18.45 -25.53 -11.08
C GLY B 331 17.79 -25.97 -9.80
N LEU B 332 16.71 -26.75 -9.94
CA LEU B 332 15.78 -26.98 -8.84
C LEU B 332 16.39 -27.84 -7.71
N MET B 333 17.45 -28.60 -8.04
CA MET B 333 18.14 -29.46 -7.04
C MET B 333 18.88 -28.68 -5.95
N VAL B 334 19.11 -27.38 -6.19
CA VAL B 334 19.69 -26.48 -5.17
C VAL B 334 18.77 -26.36 -3.94
N TYR B 335 17.46 -26.53 -4.18
CA TYR B 335 16.40 -26.14 -3.25
C TYR B 335 15.68 -27.32 -2.60
N LEU B 336 14.98 -27.03 -1.51
CA LEU B 336 14.15 -28.03 -0.85
C LEU B 336 12.89 -28.27 -1.67
N ASP B 337 12.56 -29.54 -1.87
CA ASP B 337 11.30 -29.95 -2.50
C ASP B 337 10.09 -29.63 -1.63
N GLN B 338 8.90 -29.68 -2.25
CA GLN B 338 7.59 -29.39 -1.62
C GLN B 338 7.41 -29.99 -0.21
N VAL B 339 7.75 -31.27 -0.06
CA VAL B 339 7.49 -31.96 1.19
C VAL B 339 8.47 -31.55 2.27
N LYS B 340 9.75 -31.49 1.95
CA LYS B 340 10.77 -30.95 2.87
C LYS B 340 10.52 -29.46 3.21
N ARG B 341 9.95 -28.69 2.29
CA ARG B 341 9.56 -27.33 2.57
C ARG B 341 8.50 -27.29 3.67
N SER B 342 7.47 -28.10 3.51
CA SER B 342 6.40 -28.19 4.50
C SER B 342 6.91 -28.67 5.85
N ARG B 343 7.83 -29.62 5.85
CA ARG B 343 8.39 -30.14 7.09
C ARG B 343 9.16 -29.07 7.83
N LEU B 344 9.97 -28.29 7.12
CA LEU B 344 10.80 -27.25 7.75
C LEU B 344 9.93 -26.16 8.35
N ILE B 345 8.85 -25.81 7.66
CA ILE B 345 7.91 -24.83 8.17
C ILE B 345 7.26 -25.32 9.45
N GLU B 346 6.89 -26.60 9.54
CA GLU B 346 6.28 -27.09 10.77
C GLU B 346 7.31 -27.12 11.92
N ARG B 347 8.53 -27.53 11.62
CA ARG B 347 9.60 -27.53 12.60
C ARG B 347 9.94 -26.12 13.14
N TRP B 348 9.91 -25.12 12.25
CA TRP B 348 10.14 -23.73 12.61
C TRP B 348 9.00 -23.18 13.49
N ASN B 349 7.76 -23.51 13.18
CA ASN B 349 6.64 -23.11 14.03
C ASN B 349 6.73 -23.77 15.39
N GLU B 350 7.23 -25.00 15.41
CA GLU B 350 7.45 -25.79 16.62
C GLU B 350 8.51 -25.15 17.53
N ALA B 351 9.70 -24.87 16.97
CA ALA B 351 10.77 -24.19 17.70
C ALA B 351 10.38 -22.80 18.25
N LEU B 352 9.39 -22.15 17.65
CA LEU B 352 8.97 -20.82 18.06
C LEU B 352 7.90 -20.85 19.14
N ARG B 353 6.94 -21.76 19.00
CA ARG B 353 5.75 -21.82 19.88
C ARG B 353 6.08 -21.87 21.37
MG MG C . -9.01 6.00 1.24
C1 CIT D . -11.20 8.29 1.57
O1 CIT D . -12.41 8.12 1.25
O2 CIT D . -10.64 7.50 2.36
C2 CIT D . -10.43 9.48 1.06
C3 CIT D . -8.95 9.17 0.75
O7 CIT D . -8.85 7.96 -0.06
C4 CIT D . -8.31 10.32 -0.03
C5 CIT D . -8.90 10.50 -1.39
O3 CIT D . -9.21 11.67 -1.81
O4 CIT D . -9.00 9.49 -2.09
C6 CIT D . -8.13 8.96 2.03
O5 CIT D . -7.51 7.89 2.27
O6 CIT D . -8.05 9.85 2.89
MG MG E . 8.37 -6.72 -1.48
C1 CIT F . 10.88 -8.76 -1.41
O1 CIT F . 10.71 -7.54 -1.24
O2 CIT F . 11.44 -9.10 -2.44
C2 CIT F . 10.42 -9.81 -0.43
C3 CIT F . 9.10 -9.44 0.28
O7 CIT F . 8.14 -9.07 -0.72
C4 CIT F . 8.51 -10.61 1.08
C5 CIT F . 8.13 -11.72 0.15
O3 CIT F . 7.44 -11.49 -0.86
O4 CIT F . 8.50 -12.88 0.40
C6 CIT F . 9.35 -8.24 1.22
O5 CIT F . 10.20 -8.31 2.14
O6 CIT F . 8.67 -7.19 1.07
#